data_3LBC
#
_entry.id   3LBC
#
_cell.length_a   121.174
_cell.length_b   121.174
_cell.length_c   199.510
_cell.angle_alpha   90.00
_cell.angle_beta   90.00
_cell.angle_gamma   120.00
#
_symmetry.space_group_name_H-M   'P 32 2 1'
#
loop_
_entity.id
_entity.type
_entity.pdbx_description
1 polymer 'N-acetylneuraminate lyase'
2 non-polymer L-arabinose
3 non-polymer 'SULFATE ION'
4 water water
#
_entity_poly.entity_id   1
_entity_poly.type   'polypeptide(L)'
_entity_poly.pdbx_seq_one_letter_code
;MGHHHHHHHHHHSSGHIEGRHMMATNLRGVMAALLTPFDQQQALDKASLRRLVQFNIQQGIDGLYVGGSTGEAFVQSLSE
REQVLEIVAEEAKGKIKLIAHVGCVSTAESQQLAASAKRYGFDAVSAVTPFYYPFSFEEHCDHYRAIIDSADGLPMVVYN
IPALSGVKLTLDQINTLVTLPGVGALKQTSGDLYQMEQIRREHPDLVLYNGYDEIFASGLLAGADGGIGSTYNIMGWRYQ
GIVKALKEGDIQTAQKLQTECNKVIDLLIKTGVFRGLKTVLHYMDVVSVPLCRKPFGPVDEKYLPELKALAQQLMQERG
;
_entity_poly.pdbx_strand_id   A,B,C,D
#
# COMPACT_ATOMS: atom_id res chain seq x y z
N ASN A 26 -15.39 -35.65 4.20
CA ASN A 26 -15.70 -34.50 3.31
C ASN A 26 -15.61 -33.20 4.11
N LEU A 27 -14.68 -32.32 3.74
CA LEU A 27 -14.49 -31.06 4.46
C LEU A 27 -15.25 -29.88 3.83
N ARG A 28 -15.94 -30.12 2.72
CA ARG A 28 -16.69 -29.05 2.06
C ARG A 28 -17.88 -28.64 2.93
N GLY A 29 -18.20 -27.35 2.93
CA GLY A 29 -19.35 -26.92 3.71
C GLY A 29 -19.26 -25.53 4.33
N VAL A 30 -20.23 -25.24 5.18
CA VAL A 30 -20.34 -23.96 5.87
C VAL A 30 -19.96 -24.20 7.33
N MET A 31 -18.83 -23.63 7.75
CA MET A 31 -18.36 -23.83 9.10
C MET A 31 -18.08 -22.53 9.85
N ALA A 32 -18.58 -22.45 11.08
CA ALA A 32 -18.39 -21.26 11.90
C ALA A 32 -16.99 -21.14 12.49
N ALA A 33 -16.43 -19.94 12.42
CA ALA A 33 -15.13 -19.67 13.02
C ALA A 33 -15.57 -19.40 14.47
N LEU A 34 -15.25 -20.32 15.37
CA LEU A 34 -15.66 -20.25 16.76
C LEU A 34 -15.02 -19.15 17.61
N LEU A 35 -15.85 -18.49 18.40
CA LEU A 35 -15.38 -17.44 19.31
C LEU A 35 -14.98 -18.11 20.62
N THR A 36 -14.17 -17.43 21.43
CA THR A 36 -13.77 -17.98 22.72
C THR A 36 -14.34 -17.09 23.82
N PRO A 37 -15.35 -17.59 24.54
CA PRO A 37 -15.97 -16.83 25.63
C PRO A 37 -15.02 -16.70 26.82
N PHE A 38 -14.96 -15.53 27.42
CA PHE A 38 -14.12 -15.29 28.58
C PHE A 38 -15.00 -14.78 29.72
N ASP A 39 -14.53 -14.92 30.96
CA ASP A 39 -15.28 -14.41 32.10
C ASP A 39 -14.86 -12.98 32.39
N GLN A 40 -15.37 -12.41 33.48
CA GLN A 40 -15.04 -11.03 33.83
C GLN A 40 -13.57 -10.76 34.06
N GLN A 41 -12.82 -11.82 34.40
CA GLN A 41 -11.39 -11.65 34.64
C GLN A 41 -10.53 -12.05 33.44
N GLN A 42 -11.16 -12.12 32.26
CA GLN A 42 -10.49 -12.48 31.00
C GLN A 42 -10.03 -13.94 30.88
N ALA A 43 -10.54 -14.80 31.74
CA ALA A 43 -10.17 -16.21 31.70
C ALA A 43 -11.21 -16.98 30.87
N LEU A 44 -10.83 -18.15 30.37
CA LEU A 44 -11.75 -18.94 29.57
C LEU A 44 -13.02 -19.28 30.36
N ASP A 45 -14.17 -19.04 29.75
CA ASP A 45 -15.45 -19.35 30.37
C ASP A 45 -15.86 -20.68 29.74
N LYS A 46 -15.44 -21.78 30.36
CA LYS A 46 -15.71 -23.11 29.83
C LYS A 46 -17.19 -23.42 29.58
N ALA A 47 -18.04 -23.06 30.52
CA ALA A 47 -19.46 -23.31 30.37
C ALA A 47 -20.03 -22.60 29.14
N SER A 48 -19.61 -21.36 28.91
CA SER A 48 -20.11 -20.62 27.75
C SER A 48 -19.50 -21.17 26.45
N LEU A 49 -18.27 -21.67 26.53
CA LEU A 49 -17.65 -22.25 25.35
C LEU A 49 -18.47 -23.48 24.96
N ARG A 50 -18.81 -24.30 25.95
CA ARG A 50 -19.59 -25.49 25.68
C ARG A 50 -20.96 -25.10 25.12
N ARG A 51 -21.57 -24.08 25.70
CA ARG A 51 -22.88 -23.63 25.23
C ARG A 51 -22.84 -23.11 23.79
N LEU A 52 -21.77 -22.41 23.43
CA LEU A 52 -21.66 -21.88 22.08
C LEU A 52 -21.46 -22.99 21.06
N VAL A 53 -20.71 -24.03 21.45
CA VAL A 53 -20.51 -25.16 20.56
C VAL A 53 -21.87 -25.82 20.31
N GLN A 54 -22.59 -26.09 21.39
CA GLN A 54 -23.91 -26.71 21.27
C GLN A 54 -24.87 -25.83 20.48
N PHE A 55 -24.76 -24.53 20.65
CA PHE A 55 -25.63 -23.58 19.94
C PHE A 55 -25.37 -23.71 18.43
N ASN A 56 -24.11 -23.79 18.05
CA ASN A 56 -23.75 -23.92 16.63
C ASN A 56 -24.27 -25.23 16.06
N ILE A 57 -24.11 -26.32 16.82
CA ILE A 57 -24.59 -27.62 16.37
C ILE A 57 -26.10 -27.58 16.17
N GLN A 58 -26.79 -26.89 17.07
CA GLN A 58 -28.25 -26.77 16.99
C GLN A 58 -28.77 -25.93 15.84
N GLN A 59 -27.99 -24.95 15.36
CA GLN A 59 -28.47 -24.15 14.25
C GLN A 59 -28.12 -24.76 12.90
N GLY A 60 -27.62 -25.99 12.92
CA GLY A 60 -27.28 -26.70 11.70
C GLY A 60 -25.96 -26.45 11.00
N ILE A 61 -24.95 -26.02 11.74
CA ILE A 61 -23.65 -25.75 11.13
C ILE A 61 -22.99 -27.07 10.70
N ASP A 62 -22.24 -27.05 9.60
CA ASP A 62 -21.57 -28.27 9.12
C ASP A 62 -20.33 -28.60 9.94
N GLY A 63 -19.75 -27.60 10.59
CA GLY A 63 -18.56 -27.84 11.37
C GLY A 63 -18.08 -26.57 12.03
N LEU A 64 -16.97 -26.68 12.76
CA LEU A 64 -16.38 -25.53 13.44
C LEU A 64 -14.90 -25.38 13.13
N TYR A 65 -14.46 -24.13 13.00
CA TYR A 65 -13.08 -23.80 12.74
C TYR A 65 -12.65 -23.24 14.10
N VAL A 66 -11.80 -23.98 14.81
CA VAL A 66 -11.38 -23.61 16.16
C VAL A 66 -9.94 -23.11 16.35
N GLY A 67 -9.80 -22.07 17.16
CA GLY A 67 -8.48 -21.53 17.43
C GLY A 67 -7.92 -20.59 16.38
N GLY A 68 -8.81 -20.04 15.55
CA GLY A 68 -8.38 -19.09 14.53
C GLY A 68 -8.41 -17.67 15.04
N SER A 69 -8.40 -16.71 14.11
CA SER A 69 -8.43 -15.29 14.47
C SER A 69 -9.62 -15.00 15.38
N THR A 70 -10.78 -15.52 14.97
CA THR A 70 -12.03 -15.32 15.69
C THR A 70 -12.04 -15.87 17.11
N GLY A 71 -11.25 -16.91 17.35
CA GLY A 71 -11.19 -17.49 18.67
C GLY A 71 -10.22 -16.73 19.55
N GLU A 72 -9.72 -15.59 19.05
CA GLU A 72 -8.76 -14.76 19.79
C GLU A 72 -7.52 -15.55 20.17
N ALA A 73 -7.15 -16.47 19.29
CA ALA A 73 -5.99 -17.32 19.50
C ALA A 73 -4.69 -16.54 19.66
N PHE A 74 -4.59 -15.39 19.00
CA PHE A 74 -3.37 -14.62 19.05
C PHE A 74 -3.18 -13.79 20.31
N VAL A 75 -4.13 -13.89 21.25
CA VAL A 75 -4.00 -13.25 22.54
C VAL A 75 -4.14 -14.34 23.59
N GLN A 76 -3.87 -15.58 23.16
CA GLN A 76 -3.92 -16.75 24.04
C GLN A 76 -2.56 -17.44 24.03
N SER A 77 -2.26 -18.16 25.10
CA SER A 77 -1.01 -18.91 25.20
C SER A 77 -1.24 -20.26 24.55
N LEU A 78 -0.15 -21.03 24.40
CA LEU A 78 -0.26 -22.36 23.81
C LEU A 78 -1.19 -23.25 24.63
N SER A 79 -0.99 -23.28 25.95
CA SER A 79 -1.84 -24.11 26.80
C SER A 79 -3.30 -23.71 26.74
N GLU A 80 -3.57 -22.41 26.62
CA GLU A 80 -4.94 -21.94 26.55
C GLU A 80 -5.58 -22.38 25.23
N ARG A 81 -4.81 -22.33 24.15
CA ARG A 81 -5.34 -22.76 22.86
C ARG A 81 -5.61 -24.26 22.90
N GLU A 82 -4.71 -25.03 23.50
CA GLU A 82 -4.92 -26.48 23.59
C GLU A 82 -6.16 -26.79 24.41
N GLN A 83 -6.38 -26.04 25.49
CA GLN A 83 -7.54 -26.26 26.35
C GLN A 83 -8.84 -26.09 25.56
N VAL A 84 -8.90 -25.06 24.74
CA VAL A 84 -10.09 -24.81 23.92
C VAL A 84 -10.29 -25.95 22.92
N LEU A 85 -9.21 -26.39 22.28
CA LEU A 85 -9.32 -27.49 21.32
C LEU A 85 -9.89 -28.73 22.01
N GLU A 86 -9.35 -29.04 23.19
CA GLU A 86 -9.78 -30.22 23.93
C GLU A 86 -11.25 -30.15 24.33
N ILE A 87 -11.68 -29.00 24.85
CA ILE A 87 -13.07 -28.85 25.27
C ILE A 87 -14.02 -28.94 24.07
N VAL A 88 -13.68 -28.28 22.97
CA VAL A 88 -14.55 -28.33 21.80
C VAL A 88 -14.69 -29.76 21.28
N ALA A 89 -13.58 -30.51 21.29
CA ALA A 89 -13.60 -31.89 20.83
C ALA A 89 -14.54 -32.74 21.68
N GLU A 90 -14.46 -32.56 23.00
CA GLU A 90 -15.32 -33.31 23.92
C GLU A 90 -16.78 -33.01 23.62
N GLU A 91 -17.08 -31.76 23.28
CA GLU A 91 -18.43 -31.34 23.00
C GLU A 91 -19.01 -31.70 21.63
N ALA A 92 -18.18 -31.69 20.59
CA ALA A 92 -18.71 -31.95 19.25
C ALA A 92 -18.06 -33.00 18.36
N LYS A 93 -16.99 -33.66 18.82
CA LYS A 93 -16.36 -34.66 17.96
C LYS A 93 -17.38 -35.70 17.54
N GLY A 94 -17.42 -35.99 16.23
CA GLY A 94 -18.35 -36.98 15.71
C GLY A 94 -19.72 -36.41 15.35
N LYS A 95 -20.07 -35.26 15.94
CA LYS A 95 -21.35 -34.63 15.67
C LYS A 95 -21.25 -33.71 14.46
N ILE A 96 -20.16 -32.97 14.38
CA ILE A 96 -19.91 -32.05 13.25
C ILE A 96 -18.43 -32.09 12.93
N LYS A 97 -18.06 -31.56 11.78
CA LYS A 97 -16.65 -31.55 11.39
C LYS A 97 -15.90 -30.55 12.27
N LEU A 98 -14.65 -30.89 12.61
CA LEU A 98 -13.82 -30.02 13.44
C LEU A 98 -12.46 -29.75 12.83
N ILE A 99 -12.18 -28.47 12.58
CA ILE A 99 -10.90 -28.07 12.02
C ILE A 99 -10.18 -27.26 13.09
N ALA A 100 -8.94 -27.64 13.39
CA ALA A 100 -8.16 -26.94 14.40
C ALA A 100 -7.16 -25.99 13.77
N HIS A 101 -7.29 -24.69 14.04
CA HIS A 101 -6.29 -23.77 13.52
C HIS A 101 -5.17 -23.81 14.54
N VAL A 102 -4.05 -24.38 14.13
CA VAL A 102 -2.90 -24.54 15.00
C VAL A 102 -1.77 -23.56 14.67
N GLY A 103 -2.04 -22.67 13.73
CA GLY A 103 -1.02 -21.71 13.31
C GLY A 103 -0.52 -20.70 14.31
N CYS A 104 0.80 -20.54 14.33
CA CYS A 104 1.50 -19.58 15.18
C CYS A 104 2.60 -19.04 14.28
N VAL A 105 3.33 -18.04 14.75
CA VAL A 105 4.43 -17.53 13.95
C VAL A 105 5.49 -18.64 13.99
N SER A 106 5.67 -19.20 15.19
CA SER A 106 6.62 -20.29 15.42
C SER A 106 6.19 -21.62 14.82
N THR A 107 7.11 -22.30 14.13
CA THR A 107 6.78 -23.60 13.56
C THR A 107 6.62 -24.61 14.69
N ALA A 108 7.55 -24.60 15.64
CA ALA A 108 7.52 -25.50 16.78
C ALA A 108 6.20 -25.41 17.54
N GLU A 109 5.76 -24.20 17.83
CA GLU A 109 4.49 -24.01 18.53
C GLU A 109 3.32 -24.56 17.71
N SER A 110 3.34 -24.30 16.41
CA SER A 110 2.29 -24.77 15.53
C SER A 110 2.24 -26.30 15.52
N GLN A 111 3.41 -26.92 15.55
CA GLN A 111 3.51 -28.38 15.55
C GLN A 111 2.93 -28.96 16.84
N GLN A 112 3.19 -28.31 17.96
CA GLN A 112 2.67 -28.77 19.24
C GLN A 112 1.15 -28.78 19.18
N LEU A 113 0.57 -27.71 18.64
CA LEU A 113 -0.88 -27.63 18.53
C LEU A 113 -1.41 -28.67 17.55
N ALA A 114 -0.67 -28.93 16.48
CA ALA A 114 -1.09 -29.92 15.49
C ALA A 114 -1.16 -31.31 16.12
N ALA A 115 -0.17 -31.64 16.95
CA ALA A 115 -0.12 -32.93 17.62
C ALA A 115 -1.31 -33.05 18.57
N SER A 116 -1.63 -31.95 19.26
CA SER A 116 -2.76 -31.95 20.18
C SER A 116 -4.07 -32.18 19.44
N ALA A 117 -4.24 -31.46 18.32
CA ALA A 117 -5.46 -31.60 17.51
C ALA A 117 -5.62 -33.06 17.10
N LYS A 118 -4.50 -33.73 16.85
CA LYS A 118 -4.53 -35.13 16.46
C LYS A 118 -5.01 -35.93 17.67
N ARG A 119 -4.42 -35.69 18.83
CA ARG A 119 -4.79 -36.40 20.03
C ARG A 119 -6.26 -36.24 20.39
N TYR A 120 -6.80 -35.04 20.17
CA TYR A 120 -8.20 -34.77 20.51
C TYR A 120 -9.21 -35.24 19.48
N GLY A 121 -8.74 -35.73 18.34
CA GLY A 121 -9.66 -36.23 17.33
C GLY A 121 -10.25 -35.25 16.34
N PHE A 122 -9.55 -34.15 16.06
CA PHE A 122 -10.06 -33.20 15.08
C PHE A 122 -9.99 -33.84 13.70
N ASP A 123 -10.78 -33.34 12.77
CA ASP A 123 -10.80 -33.87 11.41
C ASP A 123 -9.72 -33.27 10.53
N ALA A 124 -9.23 -32.10 10.92
CA ALA A 124 -8.21 -31.43 10.13
C ALA A 124 -7.53 -30.34 10.94
N VAL A 125 -6.41 -29.84 10.43
CA VAL A 125 -5.67 -28.76 11.06
C VAL A 125 -5.59 -27.63 10.04
N SER A 126 -5.22 -26.45 10.52
CA SER A 126 -5.11 -25.29 9.64
C SER A 126 -4.06 -24.36 10.20
N ALA A 127 -3.43 -23.57 9.34
CA ALA A 127 -2.40 -22.64 9.80
C ALA A 127 -2.31 -21.40 8.94
N VAL A 128 -2.43 -20.25 9.58
CA VAL A 128 -2.31 -18.98 8.90
C VAL A 128 -0.84 -18.86 8.50
N THR A 129 -0.56 -18.15 7.41
CA THR A 129 0.82 -17.95 6.99
C THR A 129 1.52 -17.21 8.13
N PRO A 130 2.68 -17.70 8.60
CA PRO A 130 3.38 -17.02 9.68
C PRO A 130 3.60 -15.54 9.37
N PHE A 131 3.29 -14.70 10.36
CA PHE A 131 3.37 -13.25 10.17
C PHE A 131 4.40 -12.48 10.99
N TYR A 132 4.29 -11.16 10.92
CA TYR A 132 5.17 -10.20 11.57
C TYR A 132 6.55 -10.19 10.91
N TYR A 133 7.30 -11.28 11.06
CA TYR A 133 8.61 -11.39 10.44
C TYR A 133 8.45 -11.78 8.97
N PRO A 134 9.26 -11.20 8.08
CA PRO A 134 9.13 -11.57 6.67
C PRO A 134 9.77 -12.94 6.48
N PHE A 135 9.07 -13.83 5.78
CA PHE A 135 9.60 -15.17 5.51
C PHE A 135 9.55 -15.39 4.01
N SER A 136 10.50 -16.16 3.48
CA SER A 136 10.54 -16.45 2.05
C SER A 136 9.45 -17.47 1.76
N PHE A 137 9.10 -17.62 0.49
CA PHE A 137 8.06 -18.59 0.13
C PHE A 137 8.51 -19.99 0.54
N GLU A 138 9.80 -20.28 0.34
CA GLU A 138 10.33 -21.59 0.71
C GLU A 138 10.14 -21.83 2.21
N GLU A 139 10.41 -20.82 3.01
CA GLU A 139 10.25 -20.96 4.45
C GLU A 139 8.77 -21.20 4.78
N HIS A 140 7.87 -20.53 4.07
CA HIS A 140 6.44 -20.72 4.29
C HIS A 140 6.07 -22.17 3.96
N CYS A 141 6.61 -22.69 2.85
CA CYS A 141 6.32 -24.06 2.45
C CYS A 141 6.83 -25.07 3.47
N ASP A 142 8.06 -24.89 3.95
CA ASP A 142 8.60 -25.82 4.92
C ASP A 142 7.82 -25.76 6.23
N HIS A 143 7.31 -24.56 6.55
CA HIS A 143 6.52 -24.35 7.76
C HIS A 143 5.30 -25.26 7.70
N TYR A 144 4.60 -25.20 6.57
CA TYR A 144 3.41 -26.04 6.36
C TYR A 144 3.78 -27.53 6.37
N ARG A 145 4.86 -27.88 5.69
CA ARG A 145 5.27 -29.28 5.65
C ARG A 145 5.50 -29.82 7.06
N ALA A 146 6.21 -29.04 7.88
CA ALA A 146 6.50 -29.44 9.25
C ALA A 146 5.23 -29.64 10.07
N ILE A 147 4.27 -28.74 9.92
CA ILE A 147 3.02 -28.86 10.65
C ILE A 147 2.24 -30.07 10.15
N ILE A 148 2.24 -30.28 8.84
CA ILE A 148 1.55 -31.42 8.24
C ILE A 148 2.14 -32.70 8.82
N ASP A 149 3.45 -32.70 9.01
CA ASP A 149 4.14 -33.86 9.56
C ASP A 149 3.61 -34.15 10.96
N SER A 150 3.52 -33.10 11.79
CA SER A 150 3.04 -33.24 13.16
C SER A 150 1.55 -33.53 13.28
N ALA A 151 0.78 -33.18 12.24
CA ALA A 151 -0.66 -33.41 12.25
C ALA A 151 -0.91 -34.92 12.14
N ASP A 152 0.14 -35.65 11.77
CA ASP A 152 0.10 -37.11 11.66
C ASP A 152 -1.17 -37.69 11.04
N GLY A 153 -1.47 -37.29 9.81
CA GLY A 153 -2.65 -37.81 9.15
C GLY A 153 -3.77 -36.82 8.87
N LEU A 154 -3.99 -35.87 9.79
CA LEU A 154 -5.04 -34.89 9.58
C LEU A 154 -4.69 -33.97 8.42
N PRO A 155 -5.61 -33.81 7.47
CA PRO A 155 -5.33 -32.93 6.31
C PRO A 155 -5.15 -31.48 6.75
N MET A 156 -4.35 -30.74 5.99
CA MET A 156 -4.07 -29.34 6.27
C MET A 156 -4.91 -28.39 5.44
N VAL A 157 -5.43 -27.36 6.10
CA VAL A 157 -6.22 -26.34 5.44
C VAL A 157 -5.33 -25.09 5.42
N VAL A 158 -4.78 -24.77 4.25
CA VAL A 158 -3.94 -23.59 4.13
C VAL A 158 -4.84 -22.39 4.39
N TYR A 159 -4.32 -21.39 5.11
CA TYR A 159 -5.09 -20.21 5.46
C TYR A 159 -4.46 -18.93 4.89
N ASN A 160 -5.09 -18.37 3.86
CA ASN A 160 -4.62 -17.17 3.19
C ASN A 160 -5.47 -15.97 3.64
N ILE A 161 -4.86 -15.04 4.36
CA ILE A 161 -5.56 -13.86 4.85
C ILE A 161 -4.59 -12.68 4.85
N PRO A 162 -4.24 -12.18 3.65
CA PRO A 162 -3.30 -11.07 3.48
C PRO A 162 -3.59 -9.78 4.26
N ALA A 163 -4.86 -9.44 4.41
CA ALA A 163 -5.22 -8.21 5.13
C ALA A 163 -4.70 -8.19 6.57
N LEU A 164 -4.70 -9.35 7.24
CA LEU A 164 -4.23 -9.41 8.62
C LEU A 164 -2.80 -9.90 8.76
N SER A 165 -2.41 -10.87 7.93
CA SER A 165 -1.06 -11.42 8.00
C SER A 165 0.01 -10.54 7.37
N GLY A 166 -0.36 -9.80 6.33
CA GLY A 166 0.61 -8.95 5.66
C GLY A 166 1.39 -9.76 4.65
N VAL A 167 1.02 -11.03 4.50
CA VAL A 167 1.68 -11.93 3.55
C VAL A 167 0.86 -12.00 2.25
N LYS A 168 1.43 -11.47 1.18
CA LYS A 168 0.74 -11.47 -0.11
C LYS A 168 1.29 -12.57 -1.02
N LEU A 169 0.46 -13.57 -1.28
CA LEU A 169 0.86 -14.69 -2.10
C LEU A 169 0.36 -14.55 -3.54
N THR A 170 1.14 -15.03 -4.49
CA THR A 170 0.76 -14.98 -5.90
C THR A 170 -0.06 -16.23 -6.17
N LEU A 171 -0.73 -16.26 -7.32
CA LEU A 171 -1.53 -17.42 -7.67
C LEU A 171 -0.66 -18.67 -7.73
N ASP A 172 0.55 -18.51 -8.27
CA ASP A 172 1.50 -19.63 -8.38
C ASP A 172 1.88 -20.17 -7.02
N GLN A 173 2.14 -19.28 -6.07
CA GLN A 173 2.52 -19.70 -4.74
C GLN A 173 1.35 -20.42 -4.07
N ILE A 174 0.14 -19.93 -4.28
CA ILE A 174 -1.04 -20.57 -3.71
C ILE A 174 -1.17 -21.97 -4.32
N ASN A 175 -0.95 -22.06 -5.63
CA ASN A 175 -1.05 -23.36 -6.30
C ASN A 175 -0.04 -24.34 -5.71
N THR A 176 1.17 -23.87 -5.43
CA THR A 176 2.19 -24.71 -4.85
C THR A 176 1.76 -25.19 -3.46
N LEU A 177 1.27 -24.26 -2.65
CA LEU A 177 0.84 -24.59 -1.29
C LEU A 177 -0.29 -25.61 -1.24
N VAL A 178 -1.32 -25.41 -2.05
CA VAL A 178 -2.46 -26.33 -2.04
C VAL A 178 -2.13 -27.68 -2.66
N THR A 179 -1.02 -27.77 -3.37
CA THR A 179 -0.63 -29.04 -3.98
C THR A 179 0.35 -29.81 -3.09
N LEU A 180 0.74 -29.21 -1.97
CA LEU A 180 1.65 -29.86 -1.04
C LEU A 180 1.01 -31.12 -0.51
N PRO A 181 1.81 -32.18 -0.30
CA PRO A 181 1.26 -33.43 0.21
C PRO A 181 0.65 -33.20 1.61
N GLY A 182 -0.61 -33.62 1.78
CA GLY A 182 -1.25 -33.45 3.07
C GLY A 182 -2.20 -32.26 3.15
N VAL A 183 -2.19 -31.41 2.13
CA VAL A 183 -3.08 -30.26 2.11
C VAL A 183 -4.40 -30.64 1.45
N GLY A 184 -5.50 -30.46 2.17
CA GLY A 184 -6.79 -30.83 1.62
C GLY A 184 -7.78 -29.70 1.39
N ALA A 185 -7.37 -28.48 1.69
CA ALA A 185 -8.27 -27.34 1.51
C ALA A 185 -7.55 -26.02 1.66
N LEU A 186 -8.25 -24.97 1.28
CA LEU A 186 -7.73 -23.60 1.37
C LEU A 186 -8.82 -22.67 1.90
N LYS A 187 -8.52 -21.96 2.98
CA LYS A 187 -9.47 -20.99 3.48
C LYS A 187 -8.97 -19.72 2.82
N GLN A 188 -9.76 -19.21 1.87
CA GLN A 188 -9.41 -18.04 1.10
C GLN A 188 -10.06 -16.76 1.63
N THR A 189 -9.38 -16.08 2.55
CA THR A 189 -9.91 -14.84 3.10
C THR A 189 -9.31 -13.71 2.26
N SER A 190 -9.84 -13.59 1.05
CA SER A 190 -9.44 -12.58 0.09
C SER A 190 -10.69 -12.14 -0.67
N GLY A 191 -10.77 -10.85 -0.98
CA GLY A 191 -11.90 -10.33 -1.71
C GLY A 191 -11.64 -10.31 -3.21
N ASP A 192 -10.54 -10.94 -3.62
CA ASP A 192 -10.17 -11.00 -5.03
C ASP A 192 -10.88 -12.20 -5.66
N LEU A 193 -12.02 -11.96 -6.30
CA LEU A 193 -12.77 -13.07 -6.90
C LEU A 193 -12.24 -13.51 -8.26
N TYR A 194 -11.26 -12.78 -8.79
CA TYR A 194 -10.64 -13.19 -10.05
C TYR A 194 -9.73 -14.33 -9.62
N GLN A 195 -8.96 -14.11 -8.56
CA GLN A 195 -8.06 -15.15 -8.06
C GLN A 195 -8.87 -16.36 -7.58
N MET A 196 -10.03 -16.11 -6.97
CA MET A 196 -10.88 -17.20 -6.49
C MET A 196 -11.24 -18.10 -7.67
N GLU A 197 -11.62 -17.50 -8.79
CA GLU A 197 -11.98 -18.27 -9.98
C GLU A 197 -10.77 -19.01 -10.55
N GLN A 198 -9.61 -18.35 -10.56
CA GLN A 198 -8.39 -18.96 -11.07
C GLN A 198 -7.98 -20.18 -10.25
N ILE A 199 -8.14 -20.09 -8.93
CA ILE A 199 -7.80 -21.19 -8.05
C ILE A 199 -8.72 -22.38 -8.33
N ARG A 200 -10.00 -22.10 -8.49
CA ARG A 200 -10.98 -23.15 -8.79
C ARG A 200 -10.69 -23.80 -10.14
N ARG A 201 -10.36 -22.97 -11.14
CA ARG A 201 -10.06 -23.46 -12.47
C ARG A 201 -8.86 -24.40 -12.46
N GLU A 202 -7.84 -24.03 -11.70
CA GLU A 202 -6.63 -24.83 -11.60
C GLU A 202 -6.80 -26.05 -10.69
N HIS A 203 -7.78 -25.99 -9.78
CA HIS A 203 -8.00 -27.09 -8.84
C HIS A 203 -9.48 -27.46 -8.73
N PRO A 204 -9.99 -28.19 -9.73
CA PRO A 204 -11.39 -28.64 -9.80
C PRO A 204 -11.94 -29.33 -8.55
N ASP A 205 -11.11 -30.09 -7.85
CA ASP A 205 -11.58 -30.81 -6.66
C ASP A 205 -11.20 -30.22 -5.31
N LEU A 206 -10.50 -29.08 -5.32
CA LEU A 206 -10.07 -28.46 -4.08
C LEU A 206 -11.21 -27.92 -3.22
N VAL A 207 -11.16 -28.23 -1.92
CA VAL A 207 -12.17 -27.70 -1.00
C VAL A 207 -11.72 -26.25 -0.82
N LEU A 208 -12.56 -25.32 -1.24
CA LEU A 208 -12.23 -23.90 -1.19
C LEU A 208 -13.24 -23.09 -0.38
N TYR A 209 -12.81 -22.64 0.80
CA TYR A 209 -13.69 -21.87 1.69
C TYR A 209 -13.63 -20.37 1.46
N ASN A 210 -14.80 -19.75 1.26
CA ASN A 210 -14.88 -18.30 1.10
C ASN A 210 -14.64 -17.77 2.52
N GLY A 211 -13.69 -16.84 2.67
CA GLY A 211 -13.39 -16.30 3.99
C GLY A 211 -14.06 -15.00 4.41
N TYR A 212 -14.45 -14.17 3.45
CA TYR A 212 -15.12 -12.91 3.81
C TYR A 212 -16.63 -13.09 3.72
N ASP A 213 -17.28 -13.15 4.88
CA ASP A 213 -18.72 -13.34 4.97
C ASP A 213 -19.51 -12.41 4.06
N GLU A 214 -19.10 -11.15 4.02
CA GLU A 214 -19.79 -10.13 3.24
C GLU A 214 -19.82 -10.31 1.71
N ILE A 215 -19.09 -11.30 1.19
CA ILE A 215 -19.12 -11.53 -0.25
C ILE A 215 -19.37 -13.02 -0.53
N PHE A 216 -19.89 -13.71 0.48
CA PHE A 216 -20.16 -15.14 0.40
C PHE A 216 -20.84 -15.60 -0.89
N ALA A 217 -21.97 -14.98 -1.24
CA ALA A 217 -22.69 -15.37 -2.45
C ALA A 217 -21.82 -15.22 -3.70
N SER A 218 -21.17 -14.07 -3.83
CA SER A 218 -20.31 -13.81 -4.98
C SER A 218 -19.09 -14.75 -4.97
N GLY A 219 -18.62 -15.08 -3.77
CA GLY A 219 -17.47 -15.97 -3.65
C GLY A 219 -17.82 -17.36 -4.16
N LEU A 220 -18.99 -17.86 -3.82
CA LEU A 220 -19.41 -19.19 -4.27
C LEU A 220 -19.56 -19.18 -5.80
N LEU A 221 -20.13 -18.10 -6.33
CA LEU A 221 -20.32 -18.00 -7.77
C LEU A 221 -18.97 -18.05 -8.49
N ALA A 222 -17.95 -17.43 -7.90
CA ALA A 222 -16.62 -17.40 -8.49
C ALA A 222 -15.88 -18.73 -8.39
N GLY A 223 -16.32 -19.62 -7.49
CA GLY A 223 -15.66 -20.90 -7.38
C GLY A 223 -15.59 -21.55 -6.01
N ALA A 224 -15.75 -20.76 -4.94
CA ALA A 224 -15.71 -21.33 -3.60
C ALA A 224 -16.84 -22.36 -3.49
N ASP A 225 -16.61 -23.42 -2.73
CA ASP A 225 -17.66 -24.44 -2.56
C ASP A 225 -18.12 -24.54 -1.11
N GLY A 226 -17.82 -23.50 -0.34
CA GLY A 226 -18.20 -23.45 1.05
C GLY A 226 -17.64 -22.19 1.71
N GLY A 227 -17.65 -22.17 3.04
CA GLY A 227 -17.11 -21.00 3.72
C GLY A 227 -16.86 -21.21 5.20
N ILE A 228 -16.05 -20.33 5.76
CA ILE A 228 -15.71 -20.33 7.18
C ILE A 228 -15.82 -18.85 7.56
N GLY A 229 -16.61 -18.53 8.58
CA GLY A 229 -16.76 -17.13 8.96
C GLY A 229 -17.20 -16.89 10.40
N SER A 230 -16.84 -15.73 10.92
CA SER A 230 -17.18 -15.34 12.28
C SER A 230 -18.69 -15.17 12.50
N THR A 231 -19.37 -14.53 11.55
CA THR A 231 -20.80 -14.28 11.72
C THR A 231 -21.69 -15.51 11.64
N TYR A 232 -21.12 -16.65 11.27
CA TYR A 232 -21.90 -17.90 11.17
C TYR A 232 -22.39 -18.28 12.57
N ASN A 233 -21.70 -17.78 13.60
CA ASN A 233 -22.08 -18.07 14.98
C ASN A 233 -23.49 -17.61 15.32
N ILE A 234 -23.95 -16.53 14.69
CA ILE A 234 -25.29 -16.00 14.97
C ILE A 234 -26.31 -16.11 13.85
N MET A 235 -25.88 -16.42 12.64
CA MET A 235 -26.81 -16.55 11.53
C MET A 235 -26.31 -17.50 10.46
N GLY A 236 -25.72 -18.61 10.90
CA GLY A 236 -25.20 -19.59 9.97
C GLY A 236 -26.21 -20.12 8.99
N TRP A 237 -27.47 -20.24 9.43
CA TRP A 237 -28.53 -20.75 8.56
C TRP A 237 -28.71 -19.87 7.33
N ARG A 238 -28.42 -18.57 7.46
CA ARG A 238 -28.56 -17.66 6.33
C ARG A 238 -27.56 -18.04 5.23
N TYR A 239 -26.35 -18.37 5.65
CA TYR A 239 -25.31 -18.76 4.70
C TYR A 239 -25.68 -20.10 4.07
N GLN A 240 -26.28 -20.98 4.88
CA GLN A 240 -26.71 -22.28 4.41
C GLN A 240 -27.80 -22.05 3.36
N GLY A 241 -28.60 -21.00 3.59
CA GLY A 241 -29.68 -20.67 2.67
C GLY A 241 -29.16 -20.13 1.35
N ILE A 242 -28.04 -19.41 1.39
CA ILE A 242 -27.45 -18.87 0.18
C ILE A 242 -26.93 -20.04 -0.67
N VAL A 243 -26.29 -21.00 -0.03
CA VAL A 243 -25.78 -22.17 -0.72
C VAL A 243 -26.93 -22.88 -1.42
N LYS A 244 -28.04 -23.04 -0.69
CA LYS A 244 -29.22 -23.71 -1.23
C LYS A 244 -29.83 -22.90 -2.38
N ALA A 245 -29.99 -21.60 -2.17
CA ALA A 245 -30.56 -20.73 -3.19
C ALA A 245 -29.78 -20.80 -4.50
N LEU A 246 -28.46 -20.74 -4.43
CA LEU A 246 -27.65 -20.80 -5.63
C LEU A 246 -27.73 -22.17 -6.29
N LYS A 247 -27.74 -23.22 -5.48
CA LYS A 247 -27.82 -24.57 -6.01
C LYS A 247 -29.16 -24.79 -6.73
N GLU A 248 -30.17 -24.02 -6.31
CA GLU A 248 -31.50 -24.12 -6.91
C GLU A 248 -31.72 -23.09 -8.01
N GLY A 249 -30.68 -22.32 -8.31
CA GLY A 249 -30.77 -21.31 -9.35
C GLY A 249 -31.65 -20.15 -8.94
N ASP A 250 -31.85 -19.97 -7.64
CA ASP A 250 -32.67 -18.89 -7.11
C ASP A 250 -31.79 -17.70 -6.75
N ILE A 251 -31.37 -16.95 -7.77
CA ILE A 251 -30.50 -15.79 -7.59
C ILE A 251 -31.11 -14.73 -6.67
N GLN A 252 -32.40 -14.47 -6.85
CA GLN A 252 -33.10 -13.45 -6.06
C GLN A 252 -33.00 -13.70 -4.56
N THR A 253 -33.22 -14.94 -4.15
CA THR A 253 -33.16 -15.29 -2.73
C THR A 253 -31.74 -15.21 -2.20
N ALA A 254 -30.78 -15.63 -3.02
CA ALA A 254 -29.38 -15.59 -2.62
C ALA A 254 -28.98 -14.15 -2.31
N GLN A 255 -29.35 -13.22 -3.21
CA GLN A 255 -29.02 -11.81 -3.03
C GLN A 255 -29.71 -11.25 -1.78
N LYS A 256 -30.97 -11.62 -1.57
CA LYS A 256 -31.71 -11.13 -0.41
C LYS A 256 -31.02 -11.55 0.87
N LEU A 257 -30.64 -12.81 0.95
CA LEU A 257 -29.96 -13.34 2.12
C LEU A 257 -28.61 -12.65 2.34
N GLN A 258 -27.87 -12.45 1.25
CA GLN A 258 -26.56 -11.80 1.36
C GLN A 258 -26.73 -10.37 1.86
N THR A 259 -27.75 -9.69 1.37
CA THR A 259 -28.01 -8.32 1.79
C THR A 259 -28.31 -8.26 3.29
N GLU A 260 -29.11 -9.19 3.78
CA GLU A 260 -29.45 -9.22 5.20
C GLU A 260 -28.19 -9.50 6.02
N CYS A 261 -27.33 -10.36 5.51
CA CYS A 261 -26.09 -10.66 6.21
C CYS A 261 -25.20 -9.43 6.26
N ASN A 262 -25.14 -8.70 5.14
CA ASN A 262 -24.31 -7.51 5.06
C ASN A 262 -24.80 -6.36 5.92
N LYS A 263 -26.11 -6.27 6.12
CA LYS A 263 -26.65 -5.22 6.98
C LYS A 263 -26.11 -5.48 8.38
N VAL A 264 -26.02 -6.76 8.73
CA VAL A 264 -25.50 -7.17 10.04
C VAL A 264 -23.99 -6.93 10.11
N ILE A 265 -23.29 -7.29 9.06
CA ILE A 265 -21.84 -7.10 9.02
C ILE A 265 -21.49 -5.63 9.12
N ASP A 266 -22.29 -4.76 8.51
CA ASP A 266 -22.06 -3.32 8.59
C ASP A 266 -22.02 -2.93 10.07
N LEU A 267 -23.02 -3.37 10.81
CA LEU A 267 -23.11 -3.07 12.23
C LEU A 267 -21.93 -3.63 13.02
N LEU A 268 -21.62 -4.90 12.79
CA LEU A 268 -20.52 -5.54 13.51
C LEU A 268 -19.18 -4.86 13.29
N ILE A 269 -18.93 -4.38 12.07
CA ILE A 269 -17.68 -3.69 11.80
C ILE A 269 -17.64 -2.39 12.61
N LYS A 270 -18.78 -1.75 12.76
CA LYS A 270 -18.85 -0.52 13.54
C LYS A 270 -18.65 -0.82 15.03
N THR A 271 -19.28 -1.87 15.53
CA THR A 271 -19.18 -2.23 16.93
C THR A 271 -17.87 -2.91 17.32
N GLY A 272 -17.28 -3.62 16.36
CA GLY A 272 -16.09 -4.40 16.60
C GLY A 272 -16.70 -5.79 16.40
N VAL A 273 -16.18 -6.55 15.44
CA VAL A 273 -16.79 -7.84 15.13
C VAL A 273 -16.88 -8.90 16.23
N PHE A 274 -15.76 -9.30 16.82
CA PHE A 274 -15.82 -10.34 17.85
C PHE A 274 -16.67 -9.95 19.05
N ARG A 275 -16.47 -8.73 19.57
CA ARG A 275 -17.24 -8.31 20.73
C ARG A 275 -18.71 -8.09 20.38
N GLY A 276 -18.98 -7.68 19.15
CA GLY A 276 -20.36 -7.47 18.72
C GLY A 276 -21.08 -8.80 18.68
N LEU A 277 -20.38 -9.82 18.16
CA LEU A 277 -20.94 -11.16 18.08
C LEU A 277 -21.17 -11.74 19.48
N LYS A 278 -20.19 -11.55 20.36
CA LYS A 278 -20.31 -12.06 21.74
C LYS A 278 -21.46 -11.39 22.47
N THR A 279 -21.68 -10.12 22.18
CA THR A 279 -22.76 -9.36 22.81
C THR A 279 -24.10 -9.90 22.34
N VAL A 280 -24.23 -10.16 21.04
CA VAL A 280 -25.48 -10.72 20.51
C VAL A 280 -25.70 -12.09 21.17
N LEU A 281 -24.66 -12.91 21.20
CA LEU A 281 -24.74 -14.24 21.79
C LEU A 281 -25.07 -14.15 23.27
N HIS A 282 -24.63 -13.08 23.92
CA HIS A 282 -24.91 -12.87 25.33
C HIS A 282 -26.41 -12.58 25.49
N TYR A 283 -26.97 -11.78 24.59
CA TYR A 283 -28.39 -11.47 24.67
C TYR A 283 -29.24 -12.68 24.29
N MET A 284 -28.61 -13.68 23.68
CA MET A 284 -29.31 -14.92 23.31
C MET A 284 -29.08 -15.94 24.43
N ASP A 285 -28.49 -15.50 25.52
CA ASP A 285 -28.19 -16.31 26.70
C ASP A 285 -27.25 -17.48 26.45
N VAL A 286 -26.40 -17.36 25.44
CA VAL A 286 -25.42 -18.39 25.13
C VAL A 286 -24.09 -18.06 25.81
N VAL A 287 -23.69 -16.79 25.70
CA VAL A 287 -22.43 -16.32 26.28
C VAL A 287 -22.68 -15.50 27.54
N SER A 288 -22.11 -15.94 28.67
CA SER A 288 -22.30 -15.24 29.95
C SER A 288 -21.77 -13.82 30.00
N VAL A 289 -20.53 -13.62 29.56
CA VAL A 289 -19.88 -12.31 29.57
C VAL A 289 -19.34 -12.06 28.16
N PRO A 290 -19.82 -11.00 27.49
CA PRO A 290 -19.42 -10.63 26.13
C PRO A 290 -18.10 -9.91 25.90
N LEU A 291 -17.12 -10.11 26.76
CA LEU A 291 -15.85 -9.41 26.60
C LEU A 291 -14.80 -10.15 25.77
N CYS A 292 -13.95 -9.37 25.12
CA CYS A 292 -12.82 -9.90 24.35
C CYS A 292 -11.63 -9.58 25.24
N ARG A 293 -10.48 -10.19 24.98
CA ARG A 293 -9.31 -9.91 25.80
C ARG A 293 -8.65 -8.60 25.38
N LYS A 294 -8.05 -7.91 26.36
CA LYS A 294 -7.34 -6.66 26.07
C LYS A 294 -6.18 -7.04 25.15
N PRO A 295 -5.75 -6.12 24.28
CA PRO A 295 -6.22 -4.74 24.07
C PRO A 295 -7.62 -4.45 23.50
N PHE A 296 -8.40 -5.47 23.18
CA PHE A 296 -9.75 -5.21 22.69
C PHE A 296 -10.52 -4.51 23.80
N GLY A 297 -11.22 -3.44 23.45
CA GLY A 297 -12.01 -2.71 24.44
C GLY A 297 -13.45 -3.22 24.47
N PRO A 298 -14.30 -2.65 25.33
CA PRO A 298 -15.69 -3.11 25.37
C PRO A 298 -16.49 -2.48 24.23
N VAL A 299 -17.71 -2.96 24.02
CA VAL A 299 -18.57 -2.40 22.98
C VAL A 299 -19.06 -1.02 23.45
N ASP A 300 -19.09 -0.06 22.54
CA ASP A 300 -19.55 1.29 22.86
C ASP A 300 -21.04 1.15 23.18
N GLU A 301 -21.48 1.64 24.34
CA GLU A 301 -22.87 1.50 24.72
C GLU A 301 -23.90 2.07 23.75
N LYS A 302 -23.49 3.01 22.91
CA LYS A 302 -24.42 3.59 21.95
C LYS A 302 -24.90 2.54 20.94
N TYR A 303 -24.22 1.41 20.88
CA TYR A 303 -24.59 0.34 19.95
C TYR A 303 -25.46 -0.74 20.56
N LEU A 304 -25.64 -0.73 21.87
CA LEU A 304 -26.44 -1.77 22.50
C LEU A 304 -27.88 -1.86 22.01
N PRO A 305 -28.53 -0.72 21.76
CA PRO A 305 -29.92 -0.83 21.28
C PRO A 305 -30.01 -1.65 19.98
N GLU A 306 -29.09 -1.41 19.06
CA GLU A 306 -29.09 -2.15 17.80
C GLU A 306 -28.71 -3.61 17.99
N LEU A 307 -27.75 -3.89 18.87
CA LEU A 307 -27.33 -5.25 19.11
C LEU A 307 -28.44 -6.06 19.79
N LYS A 308 -29.14 -5.44 20.73
CA LYS A 308 -30.24 -6.11 21.42
C LYS A 308 -31.35 -6.41 20.41
N ALA A 309 -31.65 -5.43 19.56
CA ALA A 309 -32.69 -5.58 18.55
C ALA A 309 -32.34 -6.71 17.59
N LEU A 310 -31.06 -6.79 17.22
CA LEU A 310 -30.61 -7.84 16.32
C LEU A 310 -30.77 -9.21 16.99
N ALA A 311 -30.38 -9.32 18.26
CA ALA A 311 -30.51 -10.58 18.98
C ALA A 311 -31.98 -11.02 19.04
N GLN A 312 -32.86 -10.06 19.29
CA GLN A 312 -34.30 -10.33 19.36
C GLN A 312 -34.79 -10.83 18.00
N GLN A 313 -34.37 -10.14 16.94
CA GLN A 313 -34.73 -10.49 15.58
C GLN A 313 -34.29 -11.91 15.23
N LEU A 314 -33.00 -12.19 15.46
CA LEU A 314 -32.45 -13.50 15.15
C LEU A 314 -33.13 -14.64 15.90
N MET A 315 -33.48 -14.41 17.16
CA MET A 315 -34.14 -15.44 17.95
C MET A 315 -35.54 -15.73 17.44
N GLN A 316 -36.27 -14.68 17.05
CA GLN A 316 -37.62 -14.85 16.55
C GLN A 316 -37.61 -15.34 15.11
N GLU A 317 -36.48 -15.15 14.43
CA GLU A 317 -36.33 -15.57 13.04
C GLU A 317 -36.19 -17.07 12.88
N ARG A 318 -35.25 -17.66 13.61
CA ARG A 318 -35.02 -19.10 13.54
C ARG A 318 -34.00 -19.53 14.58
N ALA B 24 28.43 27.30 -13.37
CA ALA B 24 29.15 25.99 -13.25
C ALA B 24 29.07 25.22 -14.56
N THR B 25 30.02 24.30 -14.76
CA THR B 25 30.05 23.49 -15.96
C THR B 25 29.34 22.16 -15.73
N ASN B 26 28.48 22.13 -14.71
CA ASN B 26 27.73 20.94 -14.38
C ASN B 26 26.30 21.30 -13.96
N LEU B 27 25.49 20.26 -13.75
CA LEU B 27 24.09 20.44 -13.37
C LEU B 27 23.85 20.40 -11.85
N ARG B 28 24.91 20.17 -11.08
CA ARG B 28 24.78 20.09 -9.62
C ARG B 28 24.34 21.44 -9.05
N GLY B 29 23.50 21.40 -8.02
CA GLY B 29 23.06 22.63 -7.40
C GLY B 29 21.65 22.63 -6.82
N VAL B 30 21.23 23.79 -6.35
CA VAL B 30 19.91 23.98 -5.77
C VAL B 30 19.06 24.68 -6.83
N MET B 31 18.10 23.94 -7.40
CA MET B 31 17.24 24.46 -8.46
C MET B 31 15.79 24.56 -8.02
N ALA B 32 15.17 25.72 -8.22
CA ALA B 32 13.78 25.90 -7.84
C ALA B 32 12.84 25.27 -8.87
N ALA B 33 11.83 24.56 -8.39
CA ALA B 33 10.83 23.98 -9.28
C ALA B 33 9.88 25.13 -9.52
N LEU B 34 9.96 25.73 -10.69
CA LEU B 34 9.17 26.90 -11.06
C LEU B 34 7.66 26.75 -11.09
N LEU B 35 6.96 27.69 -10.49
CA LEU B 35 5.50 27.70 -10.46
C LEU B 35 5.05 28.43 -11.74
N THR B 36 3.81 28.20 -12.14
CA THR B 36 3.28 28.87 -13.33
C THR B 36 2.16 29.84 -12.92
N PRO B 37 2.43 31.15 -12.97
CA PRO B 37 1.40 32.13 -12.59
C PRO B 37 0.28 32.20 -13.62
N PHE B 38 -0.96 32.28 -13.13
CA PHE B 38 -2.13 32.36 -14.01
C PHE B 38 -2.91 33.62 -13.65
N ASP B 39 -3.74 34.09 -14.57
CA ASP B 39 -4.55 35.28 -14.30
C ASP B 39 -5.91 34.84 -13.77
N GLN B 40 -6.80 35.81 -13.54
CA GLN B 40 -8.13 35.51 -13.02
C GLN B 40 -8.87 34.50 -13.88
N GLN B 41 -8.53 34.46 -15.17
CA GLN B 41 -9.16 33.54 -16.11
C GLN B 41 -8.42 32.21 -16.21
N GLN B 42 -7.43 32.00 -15.35
CA GLN B 42 -6.64 30.78 -15.34
C GLN B 42 -5.75 30.64 -16.57
N ALA B 43 -5.47 31.76 -17.23
CA ALA B 43 -4.61 31.77 -18.40
C ALA B 43 -3.24 32.20 -17.92
N LEU B 44 -2.20 31.84 -18.67
CA LEU B 44 -0.85 32.22 -18.27
C LEU B 44 -0.68 33.72 -18.04
N ASP B 45 -0.10 34.08 -16.91
CA ASP B 45 0.16 35.47 -16.57
C ASP B 45 1.63 35.64 -16.92
N LYS B 46 1.90 36.01 -18.17
CA LYS B 46 3.27 36.18 -18.65
C LYS B 46 4.08 37.15 -17.79
N ALA B 47 3.49 38.30 -17.48
CA ALA B 47 4.19 39.31 -16.68
C ALA B 47 4.63 38.75 -15.33
N SER B 48 3.76 37.99 -14.67
CA SER B 48 4.10 37.41 -13.39
C SER B 48 5.12 36.30 -13.55
N LEU B 49 5.01 35.53 -14.63
CA LEU B 49 5.95 34.45 -14.88
C LEU B 49 7.35 35.05 -14.99
N ARG B 50 7.49 36.12 -15.77
CA ARG B 50 8.78 36.78 -15.94
C ARG B 50 9.29 37.31 -14.61
N ARG B 51 8.39 37.88 -13.80
CA ARG B 51 8.79 38.39 -12.50
C ARG B 51 9.30 37.27 -11.59
N LEU B 52 8.62 36.13 -11.62
CA LEU B 52 9.01 34.99 -10.79
C LEU B 52 10.40 34.48 -11.18
N VAL B 53 10.66 34.44 -12.48
CA VAL B 53 11.96 33.99 -12.96
C VAL B 53 13.05 34.92 -12.44
N GLN B 54 12.83 36.23 -12.58
CA GLN B 54 13.83 37.19 -12.12
C GLN B 54 13.98 37.11 -10.61
N PHE B 55 12.85 36.94 -9.91
CA PHE B 55 12.86 36.85 -8.45
C PHE B 55 13.77 35.70 -8.01
N ASN B 56 13.64 34.56 -8.68
CA ASN B 56 14.45 33.40 -8.37
C ASN B 56 15.92 33.70 -8.64
N ILE B 57 16.19 34.33 -9.78
CA ILE B 57 17.56 34.67 -10.12
C ILE B 57 18.14 35.64 -9.08
N GLN B 58 17.32 36.59 -8.65
CA GLN B 58 17.76 37.57 -7.66
C GLN B 58 18.07 36.92 -6.31
N GLN B 59 17.37 35.82 -6.01
CA GLN B 59 17.58 35.09 -4.76
C GLN B 59 18.92 34.36 -4.77
N GLY B 60 19.48 34.19 -5.97
CA GLY B 60 20.74 33.50 -6.08
C GLY B 60 20.60 32.01 -6.29
N ILE B 61 19.50 31.59 -6.91
CA ILE B 61 19.24 30.18 -7.17
C ILE B 61 20.21 29.73 -8.26
N ASP B 62 20.57 28.45 -8.27
CA ASP B 62 21.51 27.94 -9.27
C ASP B 62 20.83 27.65 -10.61
N GLY B 63 19.52 27.47 -10.58
CA GLY B 63 18.80 27.17 -11.79
C GLY B 63 17.32 26.95 -11.57
N LEU B 64 16.60 26.65 -12.64
CA LEU B 64 15.17 26.41 -12.55
C LEU B 64 14.80 25.11 -13.25
N TYR B 65 13.85 24.39 -12.66
CA TYR B 65 13.33 23.15 -13.21
C TYR B 65 11.96 23.59 -13.70
N VAL B 66 11.78 23.61 -15.02
CA VAL B 66 10.55 24.11 -15.62
C VAL B 66 9.61 23.09 -16.24
N GLY B 67 8.31 23.27 -16.03
CA GLY B 67 7.34 22.37 -16.60
C GLY B 67 7.13 21.07 -15.86
N GLY B 68 7.51 21.05 -14.58
CA GLY B 68 7.34 19.85 -13.78
C GLY B 68 6.00 19.89 -13.05
N SER B 69 5.86 19.07 -12.02
CA SER B 69 4.63 19.03 -11.24
C SER B 69 4.27 20.41 -10.71
N THR B 70 5.26 21.08 -10.14
CA THR B 70 5.09 22.41 -9.56
C THR B 70 4.61 23.48 -10.53
N GLY B 71 4.93 23.31 -11.81
CA GLY B 71 4.50 24.29 -12.80
C GLY B 71 3.09 24.00 -13.29
N GLU B 72 2.44 23.04 -12.64
CA GLU B 72 1.08 22.63 -13.01
C GLU B 72 1.02 22.19 -14.47
N ALA B 73 2.11 21.57 -14.92
CA ALA B 73 2.21 21.10 -16.29
C ALA B 73 1.16 20.06 -16.63
N PHE B 74 0.78 19.24 -15.66
CA PHE B 74 -0.19 18.20 -15.93
C PHE B 74 -1.64 18.68 -16.08
N VAL B 75 -1.84 20.00 -15.96
CA VAL B 75 -3.16 20.59 -16.20
C VAL B 75 -2.98 21.66 -17.27
N GLN B 76 -1.92 21.51 -18.06
CA GLN B 76 -1.61 22.43 -19.16
C GLN B 76 -1.57 21.62 -20.45
N SER B 77 -1.84 22.28 -21.56
CA SER B 77 -1.80 21.62 -22.86
C SER B 77 -0.33 21.61 -23.30
N LEU B 78 -0.03 20.84 -24.31
CA LEU B 78 1.33 20.75 -24.81
C LEU B 78 1.83 22.14 -25.25
N SER B 79 0.98 22.88 -25.95
CA SER B 79 1.37 24.21 -26.42
C SER B 79 1.60 25.19 -25.27
N GLU B 80 0.83 25.04 -24.19
CA GLU B 80 0.97 25.93 -23.04
C GLU B 80 2.29 25.64 -22.32
N ARG B 81 2.65 24.37 -22.24
CA ARG B 81 3.92 24.01 -21.61
C ARG B 81 5.08 24.55 -22.45
N GLU B 82 4.94 24.47 -23.77
CA GLU B 82 5.99 24.97 -24.66
C GLU B 82 6.14 26.49 -24.52
N GLN B 83 5.02 27.18 -24.36
CA GLN B 83 5.04 28.63 -24.20
C GLN B 83 5.83 29.03 -22.96
N VAL B 84 5.60 28.33 -21.86
CA VAL B 84 6.32 28.62 -20.63
C VAL B 84 7.82 28.37 -20.81
N LEU B 85 8.17 27.28 -21.50
CA LEU B 85 9.58 26.98 -21.74
C LEU B 85 10.24 28.13 -22.51
N GLU B 86 9.55 28.61 -23.54
CA GLU B 86 10.09 29.69 -24.36
C GLU B 86 10.31 30.97 -23.56
N ILE B 87 9.30 31.38 -22.79
CA ILE B 87 9.41 32.60 -21.99
C ILE B 87 10.52 32.52 -20.94
N VAL B 88 10.59 31.40 -20.22
CA VAL B 88 11.62 31.24 -19.21
C VAL B 88 13.00 31.31 -19.86
N ALA B 89 13.12 30.71 -21.04
CA ALA B 89 14.39 30.72 -21.78
C ALA B 89 14.78 32.17 -22.11
N GLU B 90 13.82 32.93 -22.63
CA GLU B 90 14.06 34.33 -22.99
C GLU B 90 14.53 35.10 -21.76
N GLU B 91 13.91 34.80 -20.62
CA GLU B 91 14.22 35.48 -19.38
C GLU B 91 15.50 35.07 -18.66
N ALA B 92 15.84 33.79 -18.70
CA ALA B 92 16.99 33.32 -17.96
C ALA B 92 18.12 32.59 -18.67
N LYS B 93 17.94 32.26 -19.94
CA LYS B 93 18.98 31.54 -20.67
C LYS B 93 20.32 32.26 -20.50
N GLY B 94 21.34 31.51 -20.07
CA GLY B 94 22.65 32.09 -19.89
C GLY B 94 22.92 32.73 -18.54
N LYS B 95 21.87 32.92 -17.74
CA LYS B 95 22.03 33.52 -16.42
C LYS B 95 22.15 32.43 -15.35
N ILE B 96 21.32 31.41 -15.46
CA ILE B 96 21.36 30.28 -14.53
C ILE B 96 21.01 29.04 -15.33
N LYS B 97 21.21 27.87 -14.72
CA LYS B 97 20.91 26.62 -15.40
C LYS B 97 19.41 26.47 -15.60
N LEU B 98 19.02 25.88 -16.71
CA LEU B 98 17.62 25.65 -17.00
C LEU B 98 17.38 24.21 -17.40
N ILE B 99 16.51 23.54 -16.65
CA ILE B 99 16.17 22.16 -16.94
C ILE B 99 14.71 22.15 -17.36
N ALA B 100 14.43 21.55 -18.51
CA ALA B 100 13.08 21.49 -19.02
C ALA B 100 12.43 20.14 -18.77
N HIS B 101 11.41 20.09 -17.91
CA HIS B 101 10.72 18.84 -17.69
C HIS B 101 9.75 18.70 -18.83
N VAL B 102 10.00 17.71 -19.68
CA VAL B 102 9.18 17.49 -20.86
C VAL B 102 8.33 16.25 -20.78
N GLY B 103 8.34 15.60 -19.63
CA GLY B 103 7.59 14.36 -19.46
C GLY B 103 6.08 14.45 -19.54
N CYS B 104 5.51 13.47 -20.25
CA CYS B 104 4.08 13.30 -20.45
C CYS B 104 3.88 11.80 -20.37
N VAL B 105 2.63 11.35 -20.37
CA VAL B 105 2.40 9.92 -20.37
C VAL B 105 2.83 9.44 -21.75
N SER B 106 2.50 10.25 -22.76
CA SER B 106 2.84 9.95 -24.15
C SER B 106 4.31 10.19 -24.47
N THR B 107 4.93 9.24 -25.17
CA THR B 107 6.33 9.39 -25.55
C THR B 107 6.41 10.50 -26.60
N ALA B 108 5.55 10.42 -27.61
CA ALA B 108 5.53 11.41 -28.70
C ALA B 108 5.40 12.85 -28.21
N GLU B 109 4.51 13.08 -27.25
CA GLU B 109 4.33 14.42 -26.71
C GLU B 109 5.57 14.85 -25.95
N SER B 110 6.18 13.91 -25.25
CA SER B 110 7.39 14.18 -24.48
C SER B 110 8.51 14.56 -25.46
N GLN B 111 8.56 13.87 -26.59
CA GLN B 111 9.58 14.14 -27.61
C GLN B 111 9.43 15.53 -28.21
N GLN B 112 8.19 15.94 -28.43
CA GLN B 112 7.92 17.26 -28.99
C GLN B 112 8.48 18.32 -28.03
N LEU B 113 8.17 18.18 -26.74
CA LEU B 113 8.65 19.15 -25.76
C LEU B 113 10.18 19.10 -25.66
N ALA B 114 10.77 17.92 -25.84
CA ALA B 114 12.22 17.80 -25.77
C ALA B 114 12.85 18.58 -26.93
N ALA B 115 12.27 18.44 -28.12
CA ALA B 115 12.76 19.16 -29.30
C ALA B 115 12.66 20.65 -29.07
N SER B 116 11.58 21.10 -28.44
CA SER B 116 11.40 22.52 -28.17
C SER B 116 12.43 23.01 -27.14
N ALA B 117 12.65 22.22 -26.09
CA ALA B 117 13.62 22.58 -25.07
C ALA B 117 14.99 22.78 -25.71
N LYS B 118 15.32 21.91 -26.67
CA LYS B 118 16.58 21.98 -27.39
C LYS B 118 16.63 23.31 -28.15
N ARG B 119 15.61 23.57 -28.96
CA ARG B 119 15.55 24.80 -29.73
C ARG B 119 15.61 26.06 -28.89
N TYR B 120 15.04 26.03 -27.69
CA TYR B 120 15.05 27.21 -26.84
C TYR B 120 16.34 27.41 -26.05
N GLY B 121 17.25 26.46 -26.14
CA GLY B 121 18.52 26.59 -25.45
C GLY B 121 18.59 26.17 -24.00
N PHE B 122 17.80 25.17 -23.61
CA PHE B 122 17.84 24.69 -22.24
C PHE B 122 19.11 23.87 -22.02
N ASP B 123 19.53 23.75 -20.77
CA ASP B 123 20.75 23.00 -20.45
C ASP B 123 20.50 21.50 -20.34
N ALA B 124 19.26 21.11 -20.09
CA ALA B 124 18.93 19.69 -19.97
C ALA B 124 17.43 19.47 -20.04
N VAL B 125 17.04 18.22 -20.17
CA VAL B 125 15.63 17.88 -20.20
C VAL B 125 15.41 16.92 -19.06
N SER B 126 14.15 16.68 -18.72
CA SER B 126 13.80 15.76 -17.65
C SER B 126 12.44 15.17 -17.95
N ALA B 127 12.17 13.98 -17.41
CA ALA B 127 10.90 13.34 -17.65
C ALA B 127 10.49 12.40 -16.53
N VAL B 128 9.30 12.62 -16.00
CA VAL B 128 8.76 11.77 -14.94
C VAL B 128 8.44 10.41 -15.57
N THR B 129 8.54 9.34 -14.79
CA THR B 129 8.20 8.02 -15.31
C THR B 129 6.74 8.11 -15.77
N PRO B 130 6.46 7.71 -17.03
CA PRO B 130 5.07 7.79 -17.52
C PRO B 130 4.11 7.07 -16.57
N PHE B 131 2.99 7.72 -16.27
CA PHE B 131 2.03 7.19 -15.33
C PHE B 131 0.65 6.77 -15.81
N TYR B 132 -0.22 6.51 -14.84
CA TYR B 132 -1.59 6.06 -15.03
C TYR B 132 -1.64 4.64 -15.59
N TYR B 133 -1.17 4.47 -16.82
CA TYR B 133 -1.13 3.14 -17.42
C TYR B 133 0.10 2.40 -16.91
N PRO B 134 -0.03 1.09 -16.65
CA PRO B 134 1.11 0.31 -16.17
C PRO B 134 2.00 -0.01 -17.38
N PHE B 135 3.28 0.32 -17.28
CA PHE B 135 4.23 0.04 -18.35
C PHE B 135 5.31 -0.85 -17.79
N SER B 136 5.87 -1.73 -18.62
CA SER B 136 6.93 -2.61 -18.17
C SER B 136 8.20 -1.78 -18.05
N PHE B 137 9.21 -2.30 -17.36
CA PHE B 137 10.45 -1.55 -17.19
C PHE B 137 11.11 -1.29 -18.54
N GLU B 138 11.02 -2.26 -19.44
CA GLU B 138 11.60 -2.10 -20.77
C GLU B 138 10.92 -0.94 -21.50
N GLU B 139 9.61 -0.81 -21.34
CA GLU B 139 8.87 0.27 -21.97
C GLU B 139 9.29 1.61 -21.38
N HIS B 140 9.58 1.63 -20.07
CA HIS B 140 10.03 2.87 -19.44
C HIS B 140 11.39 3.24 -20.01
N CYS B 141 12.27 2.26 -20.15
CA CYS B 141 13.60 2.52 -20.70
C CYS B 141 13.51 3.07 -22.12
N ASP B 142 12.70 2.43 -22.97
CA ASP B 142 12.57 2.89 -24.35
C ASP B 142 11.97 4.30 -24.41
N HIS B 143 11.15 4.63 -23.41
CA HIS B 143 10.51 5.94 -23.32
C HIS B 143 11.61 6.99 -23.09
N TYR B 144 12.50 6.71 -22.14
CA TYR B 144 13.59 7.64 -21.87
C TYR B 144 14.55 7.74 -23.06
N ARG B 145 14.81 6.61 -23.71
CA ARG B 145 15.71 6.60 -24.86
C ARG B 145 15.16 7.49 -25.99
N ALA B 146 13.87 7.35 -26.25
CA ALA B 146 13.20 8.13 -27.30
C ALA B 146 13.27 9.62 -27.01
N ILE B 147 13.02 10.01 -25.76
CA ILE B 147 13.06 11.42 -25.39
C ILE B 147 14.50 11.95 -25.48
N ILE B 148 15.45 11.11 -25.09
CA ILE B 148 16.86 11.50 -25.15
C ILE B 148 17.25 11.77 -26.61
N ASP B 149 16.72 10.96 -27.52
CA ASP B 149 16.99 11.13 -28.95
C ASP B 149 16.49 12.50 -29.41
N SER B 150 15.26 12.84 -29.03
CA SER B 150 14.68 14.12 -29.41
C SER B 150 15.34 15.31 -28.75
N ALA B 151 15.96 15.08 -27.59
CA ALA B 151 16.64 16.15 -26.85
C ALA B 151 17.89 16.58 -27.64
N ASP B 152 18.26 15.74 -28.61
CA ASP B 152 19.38 16.05 -29.50
C ASP B 152 20.63 16.57 -28.79
N GLY B 153 21.12 15.82 -27.80
CA GLY B 153 22.32 16.23 -27.09
C GLY B 153 22.16 16.74 -25.66
N LEU B 154 20.99 17.27 -25.32
CA LEU B 154 20.81 17.76 -23.96
C LEU B 154 20.74 16.56 -23.03
N PRO B 155 21.45 16.64 -21.89
CA PRO B 155 21.42 15.52 -20.95
C PRO B 155 20.04 15.32 -20.34
N MET B 156 19.72 14.08 -20.00
CA MET B 156 18.41 13.74 -19.41
C MET B 156 18.50 13.61 -17.89
N VAL B 157 17.50 14.14 -17.21
CA VAL B 157 17.42 14.05 -15.76
C VAL B 157 16.25 13.11 -15.48
N VAL B 158 16.54 11.88 -15.09
CA VAL B 158 15.48 10.93 -14.80
C VAL B 158 14.74 11.50 -13.58
N TYR B 159 13.42 11.36 -13.59
CA TYR B 159 12.58 11.88 -12.51
C TYR B 159 11.81 10.75 -11.84
N ASN B 160 12.22 10.41 -10.62
CA ASN B 160 11.61 9.33 -9.83
C ASN B 160 10.75 9.94 -8.73
N ILE B 161 9.43 9.79 -8.85
CA ILE B 161 8.52 10.35 -7.85
C ILE B 161 7.33 9.39 -7.66
N PRO B 162 7.61 8.23 -7.04
CA PRO B 162 6.60 7.19 -6.79
C PRO B 162 5.30 7.62 -6.11
N ALA B 163 5.38 8.58 -5.18
CA ALA B 163 4.18 9.03 -4.49
C ALA B 163 3.12 9.58 -5.43
N LEU B 164 3.55 10.27 -6.49
CA LEU B 164 2.61 10.84 -7.45
C LEU B 164 2.44 10.03 -8.73
N SER B 165 3.51 9.40 -9.20
CA SER B 165 3.44 8.63 -10.43
C SER B 165 2.83 7.25 -10.26
N GLY B 166 2.99 6.68 -9.06
CA GLY B 166 2.47 5.35 -8.83
C GLY B 166 3.44 4.29 -9.36
N VAL B 167 4.57 4.75 -9.89
CA VAL B 167 5.57 3.83 -10.44
C VAL B 167 6.64 3.57 -9.38
N LYS B 168 6.77 2.31 -8.97
CA LYS B 168 7.73 1.92 -7.95
C LYS B 168 8.90 1.15 -8.54
N LEU B 169 10.01 1.83 -8.73
CA LEU B 169 11.21 1.23 -9.31
C LEU B 169 12.12 0.64 -8.24
N THR B 170 12.77 -0.47 -8.58
CA THR B 170 13.70 -1.10 -7.65
C THR B 170 15.03 -0.37 -7.83
N LEU B 171 15.97 -0.60 -6.92
CA LEU B 171 17.28 0.04 -7.02
C LEU B 171 17.95 -0.37 -8.34
N ASP B 172 17.83 -1.64 -8.71
CA ASP B 172 18.44 -2.12 -9.95
C ASP B 172 17.86 -1.41 -11.17
N GLN B 173 16.56 -1.15 -11.15
CA GLN B 173 15.92 -0.46 -12.27
C GLN B 173 16.40 0.98 -12.31
N ILE B 174 16.54 1.60 -11.15
CA ILE B 174 17.01 2.98 -11.10
C ILE B 174 18.45 3.02 -11.61
N ASN B 175 19.25 2.03 -11.24
CA ASN B 175 20.64 1.98 -11.70
C ASN B 175 20.69 1.89 -13.21
N THR B 176 19.80 1.08 -13.78
CA THR B 176 19.74 0.90 -15.23
C THR B 176 19.33 2.21 -15.92
N LEU B 177 18.31 2.87 -15.39
CA LEU B 177 17.85 4.13 -15.98
C LEU B 177 18.91 5.22 -15.97
N VAL B 178 19.58 5.40 -14.83
CA VAL B 178 20.57 6.46 -14.74
C VAL B 178 21.84 6.18 -15.53
N THR B 179 21.99 4.95 -16.04
CA THR B 179 23.17 4.63 -16.83
C THR B 179 22.84 4.55 -18.32
N LEU B 180 21.60 4.88 -18.68
CA LEU B 180 21.21 4.88 -20.09
C LEU B 180 22.03 5.96 -20.79
N PRO B 181 22.41 5.71 -22.06
CA PRO B 181 23.19 6.71 -22.80
C PRO B 181 22.45 8.05 -22.84
N GLY B 182 23.12 9.11 -22.43
CA GLY B 182 22.48 10.42 -22.46
C GLY B 182 21.93 10.93 -21.13
N VAL B 183 21.86 10.06 -20.13
CA VAL B 183 21.35 10.48 -18.83
C VAL B 183 22.46 11.11 -18.00
N GLY B 184 22.20 12.28 -17.45
CA GLY B 184 23.21 12.97 -16.65
C GLY B 184 22.85 13.23 -15.21
N ALA B 185 21.61 12.94 -14.83
CA ALA B 185 21.22 13.18 -13.45
C ALA B 185 19.94 12.46 -13.08
N LEU B 186 19.61 12.53 -11.80
CA LEU B 186 18.40 11.91 -11.28
C LEU B 186 17.76 12.84 -10.26
N LYS B 187 16.48 13.15 -10.45
CA LYS B 187 15.77 13.94 -9.45
C LYS B 187 15.11 12.84 -8.62
N GLN B 188 15.54 12.70 -7.38
CA GLN B 188 15.05 11.67 -6.49
C GLN B 188 14.00 12.19 -5.49
N THR B 189 12.74 12.17 -5.89
CA THR B 189 11.69 12.61 -4.99
C THR B 189 11.20 11.37 -4.26
N SER B 190 12.00 10.93 -3.30
CA SER B 190 11.74 9.77 -2.48
C SER B 190 12.27 10.06 -1.10
N GLY B 191 11.54 9.63 -0.07
CA GLY B 191 11.98 9.85 1.29
C GLY B 191 12.82 8.71 1.81
N ASP B 192 13.15 7.76 0.92
CA ASP B 192 13.96 6.60 1.29
C ASP B 192 15.44 6.97 1.22
N LEU B 193 16.04 7.31 2.36
CA LEU B 193 17.44 7.71 2.38
C LEU B 193 18.45 6.56 2.36
N TYR B 194 17.96 5.33 2.40
CA TYR B 194 18.82 4.17 2.30
C TYR B 194 19.07 4.05 0.80
N GLN B 195 18.00 4.16 0.02
CA GLN B 195 18.13 4.08 -1.43
C GLN B 195 18.95 5.26 -1.94
N MET B 196 18.79 6.42 -1.32
CA MET B 196 19.55 7.61 -1.73
C MET B 196 21.04 7.29 -1.59
N GLU B 197 21.42 6.71 -0.45
CA GLU B 197 22.82 6.35 -0.22
C GLU B 197 23.30 5.28 -1.17
N GLN B 198 22.44 4.29 -1.43
CA GLN B 198 22.80 3.20 -2.34
C GLN B 198 23.04 3.73 -3.75
N ILE B 199 22.22 4.69 -4.18
CA ILE B 199 22.37 5.28 -5.50
C ILE B 199 23.71 6.01 -5.58
N ARG B 200 24.02 6.81 -4.56
CA ARG B 200 25.28 7.54 -4.53
C ARG B 200 26.47 6.59 -4.53
N ARG B 201 26.38 5.52 -3.75
CA ARG B 201 27.46 4.53 -3.66
C ARG B 201 27.75 3.86 -4.99
N GLU B 202 26.70 3.60 -5.76
CA GLU B 202 26.83 2.94 -7.06
C GLU B 202 27.22 3.92 -8.18
N HIS B 203 26.93 5.21 -7.98
CA HIS B 203 27.23 6.23 -8.98
C HIS B 203 27.89 7.45 -8.35
N PRO B 204 29.20 7.36 -8.06
CA PRO B 204 29.98 8.44 -7.46
C PRO B 204 29.90 9.79 -8.16
N ASP B 205 29.74 9.79 -9.48
CA ASP B 205 29.71 11.04 -10.22
C ASP B 205 28.32 11.54 -10.62
N LEU B 206 27.30 10.74 -10.35
CA LEU B 206 25.94 11.13 -10.71
C LEU B 206 25.43 12.39 -10.02
N VAL B 207 24.78 13.25 -10.79
CA VAL B 207 24.19 14.48 -10.24
C VAL B 207 22.91 13.93 -9.60
N LEU B 208 22.78 14.13 -8.30
CA LEU B 208 21.64 13.58 -7.57
C LEU B 208 20.86 14.64 -6.80
N TYR B 209 19.68 14.98 -7.30
CA TYR B 209 18.85 16.00 -6.68
C TYR B 209 17.88 15.45 -5.65
N ASN B 210 17.93 16.01 -4.44
CA ASN B 210 17.00 15.63 -3.37
C ASN B 210 15.66 16.24 -3.80
N GLY B 211 14.60 15.45 -3.80
CA GLY B 211 13.29 15.95 -4.23
C GLY B 211 12.31 16.43 -3.16
N TYR B 212 12.43 15.93 -1.93
CA TYR B 212 11.55 16.37 -0.85
C TYR B 212 12.22 17.44 -0.01
N ASP B 213 11.74 18.67 -0.15
CA ASP B 213 12.29 19.81 0.56
C ASP B 213 12.45 19.58 2.06
N GLU B 214 11.45 18.95 2.66
CA GLU B 214 11.42 18.69 4.10
C GLU B 214 12.49 17.77 4.67
N ILE B 215 13.30 17.15 3.82
CA ILE B 215 14.38 16.28 4.30
C ILE B 215 15.68 16.63 3.59
N PHE B 216 15.72 17.84 3.02
CA PHE B 216 16.89 18.32 2.29
C PHE B 216 18.23 18.04 2.98
N ALA B 217 18.38 18.49 4.23
CA ALA B 217 19.64 18.28 4.95
C ALA B 217 20.00 16.80 5.04
N SER B 218 19.04 15.99 5.47
CA SER B 218 19.29 14.55 5.59
C SER B 218 19.56 13.94 4.22
N GLY B 219 18.88 14.43 3.20
CA GLY B 219 19.07 13.93 1.85
C GLY B 219 20.49 14.19 1.37
N LEU B 220 21.00 15.39 1.65
CA LEU B 220 22.36 15.72 1.26
C LEU B 220 23.33 14.80 2.03
N LEU B 221 23.10 14.64 3.32
CA LEU B 221 23.96 13.79 4.14
C LEU B 221 23.99 12.35 3.61
N ALA B 222 22.85 11.89 3.10
CA ALA B 222 22.73 10.53 2.58
C ALA B 222 23.45 10.35 1.24
N GLY B 223 23.66 11.44 0.50
CA GLY B 223 24.35 11.30 -0.77
C GLY B 223 23.95 12.28 -1.85
N ALA B 224 22.82 12.95 -1.70
CA ALA B 224 22.40 13.91 -2.72
C ALA B 224 23.43 15.05 -2.76
N ASP B 225 23.62 15.65 -3.94
CA ASP B 225 24.60 16.74 -4.05
C ASP B 225 23.92 18.04 -4.50
N GLY B 226 22.60 18.07 -4.32
CA GLY B 226 21.82 19.23 -4.69
C GLY B 226 20.35 18.91 -4.50
N GLY B 227 19.48 19.75 -5.03
CA GLY B 227 18.06 19.49 -4.89
C GLY B 227 17.21 20.37 -5.79
N ILE B 228 15.98 19.92 -5.99
CA ILE B 228 14.99 20.63 -6.79
C ILE B 228 13.72 20.62 -5.94
N GLY B 229 13.15 21.79 -5.69
CA GLY B 229 11.95 21.85 -4.87
C GLY B 229 11.06 23.06 -5.10
N SER B 230 9.78 22.88 -4.78
CA SER B 230 8.77 23.93 -4.94
C SER B 230 8.97 25.12 -4.01
N THR B 231 9.31 24.85 -2.74
CA THR B 231 9.49 25.93 -1.79
C THR B 231 10.73 26.79 -2.01
N TYR B 232 11.61 26.37 -2.92
CA TYR B 232 12.82 27.14 -3.20
C TYR B 232 12.42 28.51 -3.76
N ASN B 233 11.22 28.59 -4.32
CA ASN B 233 10.71 29.85 -4.89
C ASN B 233 10.61 30.99 -3.88
N ILE B 234 10.33 30.66 -2.61
CA ILE B 234 10.20 31.71 -1.61
C ILE B 234 11.30 31.74 -0.56
N MET B 235 12.15 30.72 -0.52
CA MET B 235 13.23 30.69 0.46
C MET B 235 14.40 29.83 -0.01
N GLY B 236 14.73 29.95 -1.29
CA GLY B 236 15.82 29.19 -1.85
C GLY B 236 17.15 29.41 -1.15
N TRP B 237 17.35 30.61 -0.60
CA TRP B 237 18.59 30.93 0.11
C TRP B 237 18.80 30.07 1.34
N ARG B 238 17.71 29.62 1.96
CA ARG B 238 17.81 28.77 3.14
C ARG B 238 18.41 27.43 2.75
N TYR B 239 18.00 26.91 1.60
CA TYR B 239 18.52 25.65 1.12
C TYR B 239 19.99 25.81 0.74
N GLN B 240 20.34 26.97 0.20
CA GLN B 240 21.72 27.24 -0.17
C GLN B 240 22.51 27.27 1.14
N GLY B 241 21.89 27.86 2.17
CA GLY B 241 22.53 27.94 3.48
C GLY B 241 22.79 26.57 4.08
N ILE B 242 21.88 25.63 3.84
CA ILE B 242 22.05 24.27 4.37
C ILE B 242 23.24 23.62 3.66
N VAL B 243 23.33 23.82 2.35
CA VAL B 243 24.43 23.26 1.58
C VAL B 243 25.76 23.77 2.14
N LYS B 244 25.83 25.08 2.34
CA LYS B 244 27.04 25.72 2.86
C LYS B 244 27.35 25.25 4.28
N ALA B 245 26.34 25.21 5.13
CA ALA B 245 26.50 24.79 6.52
C ALA B 245 27.10 23.39 6.61
N LEU B 246 26.59 22.46 5.80
CA LEU B 246 27.12 21.10 5.83
C LEU B 246 28.53 21.07 5.27
N LYS B 247 28.78 21.83 4.22
CA LYS B 247 30.10 21.88 3.61
C LYS B 247 31.11 22.35 4.66
N GLU B 248 30.67 23.28 5.51
CA GLU B 248 31.54 23.82 6.55
C GLU B 248 31.55 22.97 7.82
N GLY B 249 30.75 21.92 7.84
CA GLY B 249 30.69 21.06 9.01
C GLY B 249 29.93 21.67 10.18
N ASP B 250 29.04 22.60 9.87
CA ASP B 250 28.23 23.26 10.90
C ASP B 250 26.85 22.60 10.98
N ILE B 251 26.80 21.45 11.66
CA ILE B 251 25.55 20.70 11.81
C ILE B 251 24.41 21.50 12.41
N GLN B 252 24.70 22.25 13.47
CA GLN B 252 23.67 23.04 14.13
C GLN B 252 22.94 24.00 13.19
N THR B 253 23.69 24.73 12.39
CA THR B 253 23.09 25.68 11.45
C THR B 253 22.27 24.96 10.40
N ALA B 254 22.74 23.79 9.96
CA ALA B 254 22.01 23.02 8.96
C ALA B 254 20.65 22.62 9.54
N GLN B 255 20.66 22.11 10.77
CA GLN B 255 19.43 21.70 11.43
C GLN B 255 18.48 22.86 11.66
N LYS B 256 19.00 23.97 12.15
CA LYS B 256 18.18 25.15 12.41
C LYS B 256 17.49 25.60 11.14
N LEU B 257 18.23 25.61 10.03
CA LEU B 257 17.66 26.02 8.76
C LEU B 257 16.63 25.02 8.25
N GLN B 258 16.91 23.73 8.42
CA GLN B 258 15.95 22.71 7.97
C GLN B 258 14.67 22.86 8.78
N THR B 259 14.83 23.10 10.07
CA THR B 259 13.67 23.26 10.95
C THR B 259 12.83 24.44 10.52
N GLU B 260 13.46 25.54 10.16
CA GLU B 260 12.71 26.71 9.72
C GLU B 260 12.00 26.41 8.41
N CYS B 261 12.63 25.65 7.54
CA CYS B 261 12.01 25.30 6.27
C CYS B 261 10.80 24.39 6.52
N ASN B 262 10.95 23.46 7.45
CA ASN B 262 9.87 22.53 7.76
C ASN B 262 8.67 23.21 8.43
N LYS B 263 8.92 24.28 9.19
CA LYS B 263 7.80 24.99 9.80
C LYS B 263 6.96 25.58 8.67
N VAL B 264 7.64 26.05 7.64
CA VAL B 264 6.98 26.63 6.48
C VAL B 264 6.26 25.53 5.70
N ILE B 265 6.95 24.41 5.51
CA ILE B 265 6.36 23.29 4.77
C ILE B 265 5.13 22.77 5.50
N ASP B 266 5.15 22.76 6.82
CA ASP B 266 3.99 22.33 7.61
C ASP B 266 2.79 23.18 7.19
N LEU B 267 3.01 24.49 7.14
CA LEU B 267 1.95 25.43 6.76
C LEU B 267 1.45 25.23 5.34
N LEU B 268 2.39 25.15 4.40
CA LEU B 268 2.05 24.99 2.99
C LEU B 268 1.26 23.70 2.72
N ILE B 269 1.54 22.65 3.48
CA ILE B 269 0.82 21.40 3.29
C ILE B 269 -0.63 21.60 3.77
N LYS B 270 -0.82 22.40 4.81
CA LYS B 270 -2.18 22.66 5.30
C LYS B 270 -2.95 23.53 4.32
N THR B 271 -2.31 24.60 3.84
CA THR B 271 -2.96 25.52 2.90
C THR B 271 -3.10 24.99 1.48
N GLY B 272 -2.19 24.09 1.11
CA GLY B 272 -2.17 23.57 -0.25
C GLY B 272 -0.84 24.17 -0.71
N VAL B 273 0.09 23.32 -1.12
CA VAL B 273 1.42 23.81 -1.49
C VAL B 273 1.56 24.83 -2.62
N PHE B 274 1.13 24.49 -3.83
CA PHE B 274 1.27 25.43 -4.94
C PHE B 274 0.57 26.76 -4.69
N ARG B 275 -0.71 26.72 -4.30
CA ARG B 275 -1.45 27.95 -4.06
C ARG B 275 -0.91 28.71 -2.86
N GLY B 276 -0.39 27.97 -1.88
CA GLY B 276 0.19 28.60 -0.71
C GLY B 276 1.41 29.40 -1.12
N LEU B 277 2.25 28.80 -1.95
CA LEU B 277 3.46 29.48 -2.43
C LEU B 277 3.10 30.70 -3.27
N LYS B 278 2.16 30.53 -4.21
CA LYS B 278 1.74 31.63 -5.07
C LYS B 278 1.17 32.77 -4.24
N THR B 279 0.50 32.43 -3.15
CA THR B 279 -0.09 33.45 -2.27
C THR B 279 1.03 34.23 -1.59
N VAL B 280 2.03 33.53 -1.08
CA VAL B 280 3.15 34.19 -0.42
C VAL B 280 3.86 35.07 -1.44
N LEU B 281 3.99 34.57 -2.67
CA LEU B 281 4.63 35.32 -3.73
C LEU B 281 3.80 36.55 -4.09
N HIS B 282 2.49 36.43 -3.96
CA HIS B 282 1.59 37.54 -4.24
C HIS B 282 1.86 38.67 -3.26
N TYR B 283 1.95 38.33 -1.98
CA TYR B 283 2.23 39.32 -0.95
C TYR B 283 3.65 39.86 -1.08
N MET B 284 4.48 39.17 -1.86
CA MET B 284 5.85 39.60 -2.07
C MET B 284 5.96 40.48 -3.31
N ASP B 285 4.81 40.80 -3.92
CA ASP B 285 4.74 41.62 -5.12
C ASP B 285 5.35 40.95 -6.34
N VAL B 286 5.22 39.63 -6.43
CA VAL B 286 5.76 38.88 -7.56
C VAL B 286 4.65 38.34 -8.45
N VAL B 287 3.72 37.62 -7.83
CA VAL B 287 2.60 37.03 -8.54
C VAL B 287 1.36 37.91 -8.40
N SER B 288 0.76 38.29 -9.52
CA SER B 288 -0.43 39.14 -9.51
C SER B 288 -1.65 38.45 -8.93
N VAL B 289 -1.96 37.26 -9.45
CA VAL B 289 -3.10 36.48 -8.99
C VAL B 289 -2.60 35.09 -8.60
N PRO B 290 -2.63 34.77 -7.30
CA PRO B 290 -2.18 33.49 -6.72
C PRO B 290 -3.01 32.24 -6.96
N LEU B 291 -3.74 32.19 -8.07
CA LEU B 291 -4.57 31.03 -8.33
C LEU B 291 -3.86 29.87 -9.03
N CYS B 292 -4.38 28.67 -8.79
CA CYS B 292 -3.89 27.45 -9.42
C CYS B 292 -5.05 27.06 -10.32
N ARG B 293 -4.83 26.15 -11.25
CA ARG B 293 -5.89 25.73 -12.16
C ARG B 293 -6.77 24.64 -11.57
N LYS B 294 -8.06 24.66 -11.92
CA LYS B 294 -8.99 23.66 -11.45
C LYS B 294 -8.52 22.30 -11.97
N PRO B 295 -8.79 21.22 -11.23
CA PRO B 295 -9.51 21.11 -9.96
C PRO B 295 -8.91 21.69 -8.67
N PHE B 296 -7.74 22.31 -8.74
CA PHE B 296 -7.18 22.92 -7.54
C PHE B 296 -8.12 24.04 -7.10
N GLY B 297 -8.46 24.08 -5.82
CA GLY B 297 -9.34 25.13 -5.32
C GLY B 297 -8.53 26.29 -4.78
N PRO B 298 -9.19 27.36 -4.29
CA PRO B 298 -8.45 28.51 -3.76
C PRO B 298 -7.97 28.29 -2.32
N VAL B 299 -7.08 29.15 -1.85
CA VAL B 299 -6.58 29.05 -0.48
C VAL B 299 -7.69 29.45 0.47
N ASP B 300 -7.82 28.72 1.58
CA ASP B 300 -8.85 29.04 2.57
C ASP B 300 -8.46 30.36 3.22
N GLU B 301 -9.41 31.31 3.24
CA GLU B 301 -9.16 32.63 3.81
C GLU B 301 -8.55 32.64 5.19
N LYS B 302 -8.87 31.64 6.00
CA LYS B 302 -8.35 31.58 7.36
C LYS B 302 -6.83 31.48 7.40
N TYR B 303 -6.22 31.11 6.28
CA TYR B 303 -4.77 30.97 6.21
C TYR B 303 -4.03 32.22 5.77
N LEU B 304 -4.75 33.18 5.20
CA LEU B 304 -4.12 34.40 4.72
C LEU B 304 -3.27 35.14 5.74
N PRO B 305 -3.77 35.33 6.97
CA PRO B 305 -2.95 36.04 7.97
C PRO B 305 -1.56 35.41 8.13
N GLU B 306 -1.51 34.08 8.24
CA GLU B 306 -0.24 33.37 8.40
C GLU B 306 0.63 33.48 7.15
N LEU B 307 0.02 33.31 5.98
CA LEU B 307 0.77 33.38 4.72
C LEU B 307 1.33 34.79 4.51
N LYS B 308 0.55 35.81 4.88
CA LYS B 308 1.01 37.18 4.72
C LYS B 308 2.16 37.45 5.69
N ALA B 309 2.02 36.93 6.91
CA ALA B 309 3.06 37.11 7.93
C ALA B 309 4.34 36.44 7.47
N LEU B 310 4.21 35.27 6.85
CA LEU B 310 5.35 34.53 6.35
C LEU B 310 6.06 35.34 5.25
N ALA B 311 5.26 35.91 4.35
CA ALA B 311 5.81 36.72 3.27
C ALA B 311 6.65 37.86 3.85
N GLN B 312 6.09 38.55 4.85
CA GLN B 312 6.80 39.66 5.48
C GLN B 312 8.08 39.14 6.14
N GLN B 313 7.95 38.05 6.89
CA GLN B 313 9.09 37.45 7.57
C GLN B 313 10.21 37.15 6.59
N LEU B 314 9.87 36.53 5.46
CA LEU B 314 10.87 36.19 4.45
C LEU B 314 11.50 37.42 3.81
N MET B 315 10.70 38.46 3.62
CA MET B 315 11.22 39.69 3.02
C MET B 315 12.16 40.41 3.99
N GLN B 316 11.75 40.50 5.25
CA GLN B 316 12.57 41.16 6.27
C GLN B 316 13.86 40.34 6.45
N GLU B 317 13.77 39.05 6.18
CA GLU B 317 14.91 38.15 6.33
C GLU B 317 15.97 38.42 5.27
N ARG B 318 15.54 38.98 4.14
CA ARG B 318 16.47 39.30 3.05
C ARG B 318 16.97 40.73 3.16
N THR C 25 -35.78 5.04 -22.46
CA THR C 25 -34.86 3.98 -21.95
C THR C 25 -33.85 4.56 -20.97
N ASN C 26 -32.97 3.69 -20.46
CA ASN C 26 -31.94 4.11 -19.51
C ASN C 26 -30.54 3.77 -20.01
N LEU C 27 -29.58 3.79 -19.09
CA LEU C 27 -28.18 3.50 -19.42
C LEU C 27 -27.71 2.12 -18.98
N ARG C 28 -28.59 1.34 -18.36
CA ARG C 28 -28.23 0.01 -17.90
C ARG C 28 -27.87 -0.88 -19.07
N GLY C 29 -26.92 -1.79 -18.86
CA GLY C 29 -26.53 -2.69 -19.93
C GLY C 29 -25.06 -3.01 -20.00
N VAL C 30 -24.68 -3.71 -21.06
CA VAL C 30 -23.31 -4.13 -21.31
C VAL C 30 -22.71 -3.24 -22.40
N MET C 31 -21.77 -2.38 -22.00
CA MET C 31 -21.13 -1.43 -22.91
C MET C 31 -19.66 -1.78 -23.07
N ALA C 32 -19.18 -1.81 -24.32
CA ALA C 32 -17.78 -2.11 -24.57
C ALA C 32 -16.94 -0.85 -24.41
N ALA C 33 -15.78 -0.98 -23.77
CA ALA C 33 -14.87 0.14 -23.60
C ALA C 33 -14.11 0.15 -24.93
N LEU C 34 -14.46 1.08 -25.81
CA LEU C 34 -13.89 1.17 -27.14
C LEU C 34 -12.39 1.48 -27.25
N LEU C 35 -11.71 0.68 -28.08
CA LEU C 35 -10.28 0.85 -28.34
C LEU C 35 -10.14 1.86 -29.48
N THR C 36 -8.98 2.53 -29.56
CA THR C 36 -8.72 3.49 -30.61
C THR C 36 -7.67 2.94 -31.59
N PRO C 37 -8.10 2.52 -32.79
CA PRO C 37 -7.16 1.97 -33.76
C PRO C 37 -6.19 3.04 -34.30
N PHE C 38 -4.93 2.66 -34.44
CA PHE C 38 -3.90 3.57 -34.95
C PHE C 38 -3.23 2.95 -36.17
N ASP C 39 -2.62 3.79 -37.01
CA ASP C 39 -1.93 3.25 -38.18
C ASP C 39 -0.48 3.01 -37.79
N GLN C 40 0.36 2.62 -38.75
CA GLN C 40 1.77 2.36 -38.46
C GLN C 40 2.51 3.57 -37.89
N GLN C 41 2.00 4.76 -38.18
CA GLN C 41 2.62 5.99 -37.70
C GLN C 41 1.99 6.48 -36.40
N GLN C 42 1.16 5.65 -35.78
CA GLN C 42 0.49 5.96 -34.52
C GLN C 42 -0.57 7.05 -34.67
N ALA C 43 -1.03 7.28 -35.89
CA ALA C 43 -2.07 8.27 -36.13
C ALA C 43 -3.40 7.53 -36.12
N LEU C 44 -4.48 8.23 -35.83
CA LEU C 44 -5.79 7.59 -35.81
C LEU C 44 -6.10 6.91 -37.14
N ASP C 45 -6.54 5.66 -37.07
CA ASP C 45 -6.91 4.88 -38.25
C ASP C 45 -8.44 4.96 -38.30
N LYS C 46 -8.95 6.00 -38.97
CA LYS C 46 -10.40 6.20 -39.08
C LYS C 46 -11.15 4.99 -39.62
N ALA C 47 -10.66 4.42 -40.72
CA ALA C 47 -11.29 3.26 -41.31
C ALA C 47 -11.47 2.13 -40.31
N SER C 48 -10.44 1.85 -39.53
CA SER C 48 -10.51 0.78 -38.54
C SER C 48 -11.41 1.15 -37.35
N LEU C 49 -11.40 2.42 -36.97
CA LEU C 49 -12.24 2.87 -35.86
C LEU C 49 -13.70 2.63 -36.25
N ARG C 50 -14.04 3.01 -37.47
CA ARG C 50 -15.41 2.83 -37.97
C ARG C 50 -15.75 1.35 -38.01
N ARG C 51 -14.80 0.54 -38.46
CA ARG C 51 -15.02 -0.91 -38.53
C ARG C 51 -15.25 -1.49 -37.13
N LEU C 52 -14.52 -0.98 -36.15
CA LEU C 52 -14.66 -1.48 -34.78
C LEU C 52 -16.01 -1.08 -34.20
N VAL C 53 -16.47 0.13 -34.51
CA VAL C 53 -17.76 0.59 -34.00
C VAL C 53 -18.86 -0.29 -34.60
N GLN C 54 -18.80 -0.51 -35.91
CA GLN C 54 -19.80 -1.35 -36.56
C GLN C 54 -19.71 -2.79 -36.08
N PHE C 55 -18.50 -3.26 -35.83
CA PHE C 55 -18.29 -4.62 -35.36
C PHE C 55 -19.00 -4.84 -34.02
N ASN C 56 -18.77 -3.93 -33.07
CA ASN C 56 -19.40 -4.01 -31.76
C ASN C 56 -20.91 -4.03 -31.88
N ILE C 57 -21.45 -3.17 -32.74
CA ILE C 57 -22.89 -3.11 -32.94
C ILE C 57 -23.41 -4.47 -33.40
N GLN C 58 -22.69 -5.11 -34.32
CA GLN C 58 -23.07 -6.41 -34.84
C GLN C 58 -23.04 -7.51 -33.78
N GLN C 59 -22.21 -7.31 -32.75
CA GLN C 59 -22.11 -8.30 -31.68
C GLN C 59 -23.32 -8.22 -30.76
N GLY C 60 -24.11 -7.15 -30.93
CA GLY C 60 -25.29 -6.97 -30.10
C GLY C 60 -24.99 -6.23 -28.82
N ILE C 61 -23.93 -5.43 -28.83
CA ILE C 61 -23.53 -4.66 -27.66
C ILE C 61 -24.62 -3.62 -27.38
N ASP C 62 -24.79 -3.25 -26.10
CA ASP C 62 -25.80 -2.26 -25.76
C ASP C 62 -25.32 -0.84 -25.97
N GLY C 63 -24.01 -0.64 -25.94
CA GLY C 63 -23.48 0.69 -26.12
C GLY C 63 -21.96 0.73 -26.09
N LEU C 64 -21.42 1.93 -26.18
CA LEU C 64 -19.97 2.11 -26.18
C LEU C 64 -19.52 3.21 -25.23
N TYR C 65 -18.45 2.92 -24.49
CA TYR C 65 -17.84 3.85 -23.56
C TYR C 65 -16.64 4.34 -24.37
N VAL C 66 -16.66 5.60 -24.78
CA VAL C 66 -15.61 6.16 -25.64
C VAL C 66 -14.70 7.18 -24.99
N GLY C 67 -13.40 7.06 -25.26
CA GLY C 67 -12.45 8.03 -24.71
C GLY C 67 -11.95 7.73 -23.32
N GLY C 68 -12.10 6.48 -22.88
CA GLY C 68 -11.64 6.11 -21.56
C GLY C 68 -10.24 5.52 -21.63
N SER C 69 -9.83 4.85 -20.58
CA SER C 69 -8.50 4.23 -20.52
C SER C 69 -8.23 3.38 -21.75
N THR C 70 -9.19 2.51 -22.05
CA THR C 70 -9.08 1.57 -23.16
C THR C 70 -8.92 2.24 -24.51
N GLY C 71 -9.40 3.48 -24.64
CA GLY C 71 -9.28 4.19 -25.89
C GLY C 71 -7.92 4.89 -25.96
N GLU C 72 -7.08 4.63 -24.97
CA GLU C 72 -5.75 5.24 -24.90
C GLU C 72 -5.86 6.76 -24.92
N ALA C 73 -6.93 7.27 -24.32
CA ALA C 73 -7.18 8.70 -24.27
C ALA C 73 -6.10 9.47 -23.54
N PHE C 74 -5.45 8.83 -22.58
CA PHE C 74 -4.43 9.51 -21.80
C PHE C 74 -3.10 9.69 -22.54
N VAL C 75 -3.06 9.22 -23.78
CA VAL C 75 -1.87 9.42 -24.63
C VAL C 75 -2.35 10.08 -25.92
N GLN C 76 -3.49 10.78 -25.82
CA GLN C 76 -4.08 11.51 -26.94
C GLN C 76 -4.26 12.95 -26.51
N SER C 77 -4.31 13.86 -27.48
CA SER C 77 -4.51 15.27 -27.17
C SER C 77 -6.02 15.53 -27.12
N LEU C 78 -6.42 16.70 -26.67
CA LEU C 78 -7.85 17.03 -26.60
C LEU C 78 -8.46 16.92 -27.97
N SER C 79 -7.79 17.49 -28.96
CA SER C 79 -8.26 17.45 -30.33
C SER C 79 -8.47 16.03 -30.83
N GLU C 80 -7.52 15.15 -30.54
CA GLU C 80 -7.63 13.76 -30.99
C GLU C 80 -8.79 13.05 -30.30
N ARG C 81 -9.00 13.34 -29.02
CA ARG C 81 -10.09 12.72 -28.31
C ARG C 81 -11.42 13.21 -28.91
N GLU C 82 -11.51 14.51 -29.21
CA GLU C 82 -12.74 15.04 -29.80
C GLU C 82 -13.03 14.37 -31.14
N GLN C 83 -11.99 14.20 -31.95
CA GLN C 83 -12.14 13.57 -33.26
C GLN C 83 -12.74 12.17 -33.13
N VAL C 84 -12.28 11.42 -32.15
CA VAL C 84 -12.79 10.07 -31.94
C VAL C 84 -14.26 10.12 -31.52
N LEU C 85 -14.61 11.04 -30.64
CA LEU C 85 -16.00 11.16 -30.20
C LEU C 85 -16.90 11.48 -31.40
N GLU C 86 -16.46 12.45 -32.20
CA GLU C 86 -17.24 12.86 -33.37
C GLU C 86 -17.47 11.70 -34.33
N ILE C 87 -16.41 10.96 -34.63
CA ILE C 87 -16.50 9.83 -35.55
C ILE C 87 -17.36 8.69 -35.03
N VAL C 88 -17.22 8.34 -33.76
CA VAL C 88 -18.03 7.27 -33.20
C VAL C 88 -19.50 7.65 -33.22
N ALA C 89 -19.78 8.92 -32.93
CA ALA C 89 -21.16 9.42 -32.92
C ALA C 89 -21.77 9.30 -34.32
N GLU C 90 -21.01 9.71 -35.34
CA GLU C 90 -21.48 9.65 -36.71
C GLU C 90 -21.81 8.21 -37.11
N GLU C 91 -21.09 7.27 -36.51
CA GLU C 91 -21.26 5.85 -36.81
C GLU C 91 -22.33 5.10 -36.02
N ALA C 92 -22.56 5.49 -34.77
CA ALA C 92 -23.52 4.78 -33.95
C ALA C 92 -24.62 5.57 -33.25
N LYS C 93 -24.59 6.89 -33.34
CA LYS C 93 -25.62 7.68 -32.68
C LYS C 93 -27.00 7.20 -33.11
N GLY C 94 -27.84 6.88 -32.14
CA GLY C 94 -29.18 6.41 -32.45
C GLY C 94 -29.30 4.90 -32.57
N LYS C 95 -28.18 4.22 -32.81
CA LYS C 95 -28.19 2.76 -32.96
C LYS C 95 -27.97 2.09 -31.61
N ILE C 96 -27.03 2.62 -30.83
CA ILE C 96 -26.72 2.08 -29.52
C ILE C 96 -26.41 3.24 -28.58
N LYS C 97 -26.36 2.96 -27.27
CA LYS C 97 -26.07 4.00 -26.31
C LYS C 97 -24.61 4.44 -26.41
N LEU C 98 -24.35 5.73 -26.24
CA LEU C 98 -23.00 6.24 -26.33
C LEU C 98 -22.60 7.07 -25.12
N ILE C 99 -21.56 6.63 -24.42
CA ILE C 99 -21.06 7.34 -23.26
C ILE C 99 -19.71 7.91 -23.60
N ALA C 100 -19.56 9.22 -23.43
CA ALA C 100 -18.29 9.87 -23.72
C ALA C 100 -17.48 10.08 -22.46
N HIS C 101 -16.32 9.42 -22.37
CA HIS C 101 -15.48 9.65 -21.22
C HIS C 101 -14.68 10.90 -21.57
N VAL C 102 -14.95 11.98 -20.86
CA VAL C 102 -14.31 13.25 -21.10
C VAL C 102 -13.31 13.63 -20.03
N GLY C 103 -13.05 12.71 -19.11
CA GLY C 103 -12.14 12.98 -18.01
C GLY C 103 -10.69 13.27 -18.34
N CYS C 104 -10.15 14.32 -17.71
CA CYS C 104 -8.76 14.74 -17.84
C CYS C 104 -8.38 15.15 -16.43
N VAL C 105 -7.10 15.43 -16.20
CA VAL C 105 -6.69 15.89 -14.89
C VAL C 105 -7.26 17.29 -14.74
N SER C 106 -7.16 18.05 -15.83
CA SER C 106 -7.67 19.42 -15.89
C SER C 106 -9.20 19.49 -15.95
N THR C 107 -9.81 20.33 -15.15
CA THR C 107 -11.26 20.48 -15.18
C THR C 107 -11.64 21.14 -16.51
N ALA C 108 -10.94 22.22 -16.85
CA ALA C 108 -11.22 22.95 -18.09
C ALA C 108 -11.17 22.07 -19.34
N GLU C 109 -10.16 21.22 -19.45
CA GLU C 109 -10.06 20.34 -20.62
C GLU C 109 -11.23 19.35 -20.61
N SER C 110 -11.58 18.88 -19.41
CA SER C 110 -12.67 17.95 -19.25
C SER C 110 -13.99 18.59 -19.71
N GLN C 111 -14.17 19.86 -19.37
CA GLN C 111 -15.39 20.58 -19.75
C GLN C 111 -15.48 20.78 -21.26
N GLN C 112 -14.34 21.02 -21.90
CA GLN C 112 -14.32 21.22 -23.33
C GLN C 112 -14.83 19.95 -24.02
N LEU C 113 -14.36 18.79 -23.56
CA LEU C 113 -14.78 17.52 -24.13
C LEU C 113 -16.25 17.25 -23.80
N ALA C 114 -16.68 17.68 -22.62
CA ALA C 114 -18.08 17.49 -22.22
C ALA C 114 -18.95 18.23 -23.24
N ALA C 115 -18.63 19.49 -23.48
CA ALA C 115 -19.38 20.31 -24.43
C ALA C 115 -19.43 19.63 -25.80
N SER C 116 -18.31 19.06 -26.23
CA SER C 116 -18.26 18.39 -27.52
C SER C 116 -19.14 17.15 -27.53
N ALA C 117 -19.14 16.41 -26.43
CA ALA C 117 -19.97 15.21 -26.34
C ALA C 117 -21.42 15.61 -26.54
N LYS C 118 -21.81 16.72 -25.93
CA LYS C 118 -23.17 17.24 -26.03
C LYS C 118 -23.44 17.59 -27.49
N ARG C 119 -22.52 18.35 -28.07
CA ARG C 119 -22.61 18.77 -29.47
C ARG C 119 -22.77 17.59 -30.41
N TYR C 120 -22.02 16.52 -30.19
CA TYR C 120 -22.09 15.34 -31.06
C TYR C 120 -23.28 14.43 -30.77
N GLY C 121 -24.02 14.72 -29.71
CA GLY C 121 -25.18 13.92 -29.39
C GLY C 121 -24.97 12.64 -28.61
N PHE C 122 -24.01 12.61 -27.70
CA PHE C 122 -23.80 11.42 -26.89
C PHE C 122 -24.93 11.33 -25.89
N ASP C 123 -25.14 10.14 -25.32
CA ASP C 123 -26.20 9.94 -24.34
C ASP C 123 -25.79 10.30 -22.92
N ALA C 124 -24.49 10.32 -22.67
CA ALA C 124 -23.99 10.66 -21.34
C ALA C 124 -22.49 10.91 -21.38
N VAL C 125 -21.97 11.51 -20.30
CA VAL C 125 -20.54 11.77 -20.20
C VAL C 125 -20.01 11.00 -18.99
N SER C 126 -18.70 10.91 -18.88
CA SER C 126 -18.09 10.20 -17.77
C SER C 126 -16.71 10.82 -17.51
N ALA C 127 -16.26 10.76 -16.26
CA ALA C 127 -14.96 11.32 -15.92
C ALA C 127 -14.29 10.57 -14.79
N VAL C 128 -13.06 10.13 -15.03
CA VAL C 128 -12.28 9.43 -14.03
C VAL C 128 -11.92 10.49 -12.98
N THR C 129 -11.75 10.08 -11.74
CA THR C 129 -11.34 11.02 -10.70
C THR C 129 -10.00 11.61 -11.17
N PRO C 130 -9.87 12.95 -11.21
CA PRO C 130 -8.58 13.52 -11.65
C PRO C 130 -7.43 12.93 -10.84
N PHE C 131 -6.36 12.58 -11.53
CA PHE C 131 -5.21 11.94 -10.90
C PHE C 131 -3.88 12.70 -10.87
N TYR C 132 -2.83 11.99 -10.44
CA TYR C 132 -1.47 12.50 -10.29
C TYR C 132 -1.35 13.46 -9.10
N TYR C 133 -1.97 14.62 -9.19
CA TYR C 133 -1.94 15.57 -8.08
C TYR C 133 -2.99 15.15 -7.06
N PRO C 134 -2.69 15.31 -5.77
CA PRO C 134 -3.66 14.93 -4.74
C PRO C 134 -4.70 16.05 -4.67
N PHE C 135 -5.97 15.71 -4.76
CA PHE C 135 -7.03 16.71 -4.66
C PHE C 135 -7.94 16.36 -3.49
N SER C 136 -8.44 17.36 -2.79
CA SER C 136 -9.32 17.10 -1.65
C SER C 136 -10.62 16.56 -2.22
N PHE C 137 -11.42 15.90 -1.38
CA PHE C 137 -12.68 15.37 -1.86
C PHE C 137 -13.57 16.50 -2.38
N GLU C 138 -13.49 17.66 -1.74
CA GLU C 138 -14.29 18.81 -2.17
C GLU C 138 -13.89 19.23 -3.58
N GLU C 139 -12.59 19.19 -3.87
CA GLU C 139 -12.12 19.56 -5.21
C GLU C 139 -12.60 18.54 -6.22
N HIS C 140 -12.66 17.27 -5.83
CA HIS C 140 -13.15 16.23 -6.73
C HIS C 140 -14.63 16.50 -7.04
N CYS C 141 -15.39 16.84 -6.00
CA CYS C 141 -16.82 17.12 -6.17
C CYS C 141 -17.04 18.31 -7.11
N ASP C 142 -16.29 19.40 -6.89
CA ASP C 142 -16.44 20.58 -7.73
C ASP C 142 -16.04 20.29 -9.16
N HIS C 143 -15.09 19.36 -9.32
CA HIS C 143 -14.63 18.95 -10.64
C HIS C 143 -15.79 18.31 -11.40
N TYR C 144 -16.47 17.35 -10.76
CA TYR C 144 -17.61 16.70 -11.41
C TYR C 144 -18.74 17.69 -11.69
N ARG C 145 -18.97 18.62 -10.77
CA ARG C 145 -20.04 19.62 -10.94
C ARG C 145 -19.75 20.47 -12.17
N ALA C 146 -18.50 20.93 -12.29
CA ALA C 146 -18.09 21.75 -13.42
C ALA C 146 -18.29 21.02 -14.74
N ILE C 147 -17.92 19.75 -14.79
CA ILE C 147 -18.07 18.97 -16.02
C ILE C 147 -19.55 18.75 -16.32
N ILE C 148 -20.32 18.41 -15.29
CA ILE C 148 -21.76 18.19 -15.45
C ILE C 148 -22.40 19.43 -16.08
N ASP C 149 -21.98 20.60 -15.60
CA ASP C 149 -22.50 21.85 -16.12
C ASP C 149 -22.20 21.99 -17.62
N SER C 150 -20.97 21.70 -18.01
CA SER C 150 -20.57 21.79 -19.42
C SER C 150 -21.24 20.72 -20.28
N ALA C 151 -21.63 19.61 -19.66
CA ALA C 151 -22.29 18.53 -20.38
C ALA C 151 -23.68 18.99 -20.81
N ASP C 152 -24.11 20.13 -20.27
CA ASP C 152 -25.38 20.75 -20.60
C ASP C 152 -26.57 19.78 -20.67
N GLY C 153 -26.80 19.06 -19.57
CA GLY C 153 -27.93 18.15 -19.54
C GLY C 153 -27.60 16.67 -19.60
N LEU C 154 -26.51 16.30 -20.25
CA LEU C 154 -26.15 14.88 -20.33
C LEU C 154 -25.83 14.33 -18.95
N PRO C 155 -26.33 13.13 -18.63
CA PRO C 155 -26.06 12.56 -17.31
C PRO C 155 -24.58 12.17 -17.16
N MET C 156 -24.06 12.33 -15.95
CA MET C 156 -22.67 12.01 -15.65
C MET C 156 -22.52 10.61 -15.07
N VAL C 157 -21.51 9.90 -15.55
CA VAL C 157 -21.22 8.56 -15.06
C VAL C 157 -19.91 8.69 -14.29
N VAL C 158 -19.99 8.67 -12.96
CA VAL C 158 -18.79 8.78 -12.15
C VAL C 158 -17.94 7.55 -12.44
N TYR C 159 -16.61 7.74 -12.47
CA TYR C 159 -15.70 6.65 -12.78
C TYR C 159 -14.70 6.44 -11.65
N ASN C 160 -14.88 5.35 -10.93
CA ASN C 160 -14.04 4.97 -9.79
C ASN C 160 -13.10 3.84 -10.21
N ILE C 161 -11.80 4.15 -10.30
CA ILE C 161 -10.82 3.13 -10.70
C ILE C 161 -9.53 3.41 -9.92
N PRO C 162 -9.55 3.14 -8.61
CA PRO C 162 -8.39 3.36 -7.73
C PRO C 162 -7.08 2.73 -8.18
N ALA C 163 -7.15 1.53 -8.75
CA ALA C 163 -5.95 0.84 -9.21
C ALA C 163 -5.12 1.71 -10.16
N LEU C 164 -5.78 2.45 -11.05
CA LEU C 164 -5.08 3.29 -12.02
C LEU C 164 -4.98 4.76 -11.63
N SER C 165 -6.03 5.29 -11.02
CA SER C 165 -6.03 6.71 -10.63
C SER C 165 -5.25 6.99 -9.36
N GLY C 166 -5.17 6.00 -8.48
CA GLY C 166 -4.47 6.20 -7.23
C GLY C 166 -5.35 6.95 -6.24
N VAL C 167 -6.60 7.20 -6.63
CA VAL C 167 -7.55 7.90 -5.76
C VAL C 167 -8.40 6.86 -5.04
N LYS C 168 -8.31 6.85 -3.72
CA LYS C 168 -9.06 5.90 -2.91
C LYS C 168 -10.23 6.61 -2.22
N LEU C 169 -11.44 6.31 -2.67
CA LEU C 169 -12.63 6.92 -2.11
C LEU C 169 -13.31 6.02 -1.10
N THR C 170 -13.82 6.61 -0.02
CA THR C 170 -14.54 5.86 1.00
C THR C 170 -15.94 5.62 0.45
N LEU C 171 -16.70 4.76 1.11
CA LEU C 171 -18.06 4.49 0.68
C LEU C 171 -18.89 5.77 0.78
N ASP C 172 -18.71 6.52 1.86
CA ASP C 172 -19.45 7.76 2.04
C ASP C 172 -19.15 8.74 0.92
N GLN C 173 -17.89 8.81 0.50
CA GLN C 173 -17.50 9.72 -0.56
C GLN C 173 -18.12 9.27 -1.88
N ILE C 174 -18.16 7.97 -2.12
CA ILE C 174 -18.77 7.46 -3.34
C ILE C 174 -20.25 7.81 -3.32
N ASN C 175 -20.90 7.65 -2.16
CA ASN C 175 -22.32 7.96 -2.03
C ASN C 175 -22.58 9.42 -2.37
N THR C 176 -21.71 10.30 -1.87
CA THR C 176 -21.84 11.73 -2.14
C THR C 176 -21.72 12.00 -3.64
N LEU C 177 -20.69 11.43 -4.27
CA LEU C 177 -20.49 11.64 -5.71
C LEU C 177 -21.67 11.18 -6.56
N VAL C 178 -22.17 9.97 -6.31
CA VAL C 178 -23.28 9.46 -7.10
C VAL C 178 -24.60 10.19 -6.86
N THR C 179 -24.67 11.00 -5.81
CA THR C 179 -25.91 11.74 -5.54
C THR C 179 -25.81 13.20 -5.95
N LEU C 180 -24.71 13.58 -6.59
CA LEU C 180 -24.53 14.96 -7.05
C LEU C 180 -25.55 15.19 -8.16
N PRO C 181 -26.10 16.41 -8.23
CA PRO C 181 -27.08 16.75 -9.26
C PRO C 181 -26.48 16.47 -10.64
N GLY C 182 -27.19 15.68 -11.46
CA GLY C 182 -26.69 15.39 -12.79
C GLY C 182 -26.02 14.04 -12.95
N VAL C 183 -25.66 13.40 -11.84
CA VAL C 183 -25.02 12.08 -11.91
C VAL C 183 -26.09 11.01 -12.09
N GLY C 184 -25.92 10.17 -13.10
CA GLY C 184 -26.90 9.13 -13.35
C GLY C 184 -26.37 7.72 -13.30
N ALA C 185 -25.07 7.56 -13.04
CA ALA C 185 -24.48 6.22 -12.99
C ALA C 185 -23.08 6.21 -12.43
N LEU C 186 -22.57 5.00 -12.18
CA LEU C 186 -21.22 4.83 -11.66
C LEU C 186 -20.54 3.65 -12.32
N LYS C 187 -19.35 3.86 -12.85
CA LYS C 187 -18.61 2.74 -13.41
C LYS C 187 -17.70 2.37 -12.25
N GLN C 188 -17.93 1.19 -11.68
CA GLN C 188 -17.19 0.72 -10.52
C GLN C 188 -16.08 -0.27 -10.89
N THR C 189 -14.90 0.27 -11.19
CA THR C 189 -13.77 -0.60 -11.52
C THR C 189 -13.04 -0.90 -10.21
N SER C 190 -13.65 -1.80 -9.45
CA SER C 190 -13.12 -2.22 -8.16
C SER C 190 -13.50 -3.67 -7.95
N GLY C 191 -12.59 -4.45 -7.37
CA GLY C 191 -12.86 -5.84 -7.11
C GLY C 191 -13.47 -6.07 -5.73
N ASP C 192 -13.80 -4.97 -5.05
CA ASP C 192 -14.39 -5.06 -3.72
C ASP C 192 -15.89 -5.25 -3.86
N LEU C 193 -16.33 -6.50 -3.82
CA LEU C 193 -17.75 -6.79 -3.99
C LEU C 193 -18.61 -6.54 -2.76
N TYR C 194 -17.97 -6.18 -1.65
CA TYR C 194 -18.71 -5.85 -0.44
C TYR C 194 -19.19 -4.43 -0.71
N GLN C 195 -18.26 -3.58 -1.15
CA GLN C 195 -18.60 -2.20 -1.47
C GLN C 195 -19.62 -2.15 -2.61
N MET C 196 -19.53 -3.09 -3.55
CA MET C 196 -20.49 -3.13 -4.67
C MET C 196 -21.89 -3.32 -4.09
N GLU C 197 -22.04 -4.26 -3.16
CA GLU C 197 -23.33 -4.54 -2.55
C GLU C 197 -23.81 -3.35 -1.70
N GLN C 198 -22.89 -2.68 -1.03
CA GLN C 198 -23.24 -1.54 -0.19
C GLN C 198 -23.74 -0.39 -1.04
N ILE C 199 -23.09 -0.18 -2.19
CA ILE C 199 -23.48 0.89 -3.10
C ILE C 199 -24.88 0.61 -3.62
N ARG C 200 -25.12 -0.63 -4.03
CA ARG C 200 -26.44 -1.01 -4.54
C ARG C 200 -27.50 -0.87 -3.44
N ARG C 201 -27.15 -1.26 -2.22
CA ARG C 201 -28.07 -1.18 -1.10
C ARG C 201 -28.47 0.26 -0.79
N GLU C 202 -27.51 1.17 -0.90
CA GLU C 202 -27.76 2.58 -0.62
C GLU C 202 -28.44 3.30 -1.80
N HIS C 203 -28.26 2.77 -3.01
CA HIS C 203 -28.83 3.39 -4.20
C HIS C 203 -29.50 2.33 -5.09
N PRO C 204 -30.73 1.92 -4.73
CA PRO C 204 -31.45 0.91 -5.52
C PRO C 204 -31.75 1.29 -6.98
N ASP C 205 -31.77 2.58 -7.29
CA ASP C 205 -32.06 3.01 -8.66
C ASP C 205 -30.83 3.37 -9.50
N LEU C 206 -29.66 3.44 -8.87
CA LEU C 206 -28.43 3.80 -9.58
C LEU C 206 -27.98 2.81 -10.64
N VAL C 207 -27.57 3.33 -11.80
CA VAL C 207 -27.05 2.49 -12.86
C VAL C 207 -25.64 2.17 -12.37
N LEU C 208 -25.34 0.89 -12.21
CA LEU C 208 -24.04 0.47 -11.66
C LEU C 208 -23.30 -0.52 -12.57
N TYR C 209 -22.26 -0.03 -13.23
CA TYR C 209 -21.48 -0.84 -14.15
C TYR C 209 -20.32 -1.57 -13.49
N ASN C 210 -20.27 -2.90 -13.65
CA ASN C 210 -19.14 -3.67 -13.12
C ASN C 210 -17.97 -3.29 -14.02
N GLY C 211 -16.82 -2.97 -13.41
CA GLY C 211 -15.66 -2.56 -14.19
C GLY C 211 -14.59 -3.60 -14.49
N TYR C 212 -14.46 -4.61 -13.67
CA TYR C 212 -13.46 -5.65 -13.93
C TYR C 212 -14.12 -6.85 -14.61
N ASP C 213 -13.81 -7.03 -15.88
CA ASP C 213 -14.36 -8.11 -16.69
C ASP C 213 -14.23 -9.48 -16.04
N GLU C 214 -13.07 -9.72 -15.42
CA GLU C 214 -12.80 -11.01 -14.80
C GLU C 214 -13.69 -11.38 -13.60
N ILE C 215 -14.53 -10.47 -13.14
CA ILE C 215 -15.44 -10.80 -12.03
C ILE C 215 -16.88 -10.42 -12.34
N PHE C 216 -17.15 -10.17 -13.63
CA PHE C 216 -18.46 -9.77 -14.11
C PHE C 216 -19.64 -10.51 -13.47
N ALA C 217 -19.62 -11.83 -13.54
CA ALA C 217 -20.70 -12.63 -12.97
C ALA C 217 -20.93 -12.33 -11.48
N SER C 218 -19.84 -12.35 -10.72
CA SER C 218 -19.92 -12.07 -9.29
C SER C 218 -20.31 -10.61 -9.04
N GLY C 219 -19.88 -9.72 -9.95
CA GLY C 219 -20.19 -8.32 -9.82
C GLY C 219 -21.68 -8.08 -9.94
N LEU C 220 -22.31 -8.78 -10.89
CA LEU C 220 -23.75 -8.67 -11.09
C LEU C 220 -24.51 -9.19 -9.87
N LEU C 221 -24.04 -10.31 -9.33
CA LEU C 221 -24.69 -10.90 -8.17
C LEU C 221 -24.61 -9.98 -6.95
N ALA C 222 -23.51 -9.24 -6.85
CA ALA C 222 -23.31 -8.33 -5.73
C ALA C 222 -24.17 -7.07 -5.84
N GLY C 223 -24.66 -6.78 -7.04
CA GLY C 223 -25.49 -5.60 -7.20
C GLY C 223 -25.34 -4.83 -8.51
N ALA C 224 -24.28 -5.08 -9.26
CA ALA C 224 -24.11 -4.37 -10.52
C ALA C 224 -25.25 -4.77 -11.45
N ASP C 225 -25.72 -3.85 -12.29
CA ASP C 225 -26.79 -4.17 -13.23
C ASP C 225 -26.32 -4.00 -14.67
N GLY C 226 -25.01 -4.15 -14.86
CA GLY C 226 -24.43 -4.00 -16.18
C GLY C 226 -22.93 -3.94 -16.06
N GLY C 227 -22.24 -3.61 -17.15
CA GLY C 227 -20.80 -3.53 -17.08
C GLY C 227 -20.20 -2.84 -18.28
N ILE C 228 -18.99 -2.31 -18.09
CA ILE C 228 -18.24 -1.64 -19.14
C ILE C 228 -16.87 -2.30 -19.10
N GLY C 229 -16.39 -2.80 -20.23
CA GLY C 229 -15.09 -3.46 -20.23
C GLY C 229 -14.38 -3.53 -21.56
N SER C 230 -13.06 -3.68 -21.50
CA SER C 230 -12.20 -3.75 -22.69
C SER C 230 -12.41 -5.01 -23.52
N THR C 231 -12.51 -6.16 -22.86
CA THR C 231 -12.68 -7.41 -23.58
C THR C 231 -14.03 -7.58 -24.25
N TYR C 232 -14.94 -6.64 -24.02
CA TYR C 232 -16.27 -6.70 -24.65
C TYR C 232 -16.12 -6.55 -26.16
N ASN C 233 -15.02 -5.93 -26.59
CA ASN C 233 -14.74 -5.71 -28.00
C ASN C 233 -14.64 -7.01 -28.79
N ILE C 234 -14.09 -8.05 -28.18
CA ILE C 234 -13.92 -9.32 -28.89
C ILE C 234 -14.86 -10.45 -28.47
N MET C 235 -15.68 -10.23 -27.44
CA MET C 235 -16.59 -11.29 -27.01
C MET C 235 -17.73 -10.76 -26.14
N GLY C 236 -18.25 -9.60 -26.53
CA GLY C 236 -19.34 -8.99 -25.78
C GLY C 236 -20.53 -9.91 -25.56
N TRP C 237 -20.82 -10.76 -26.53
CA TRP C 237 -21.95 -11.66 -26.44
C TRP C 237 -21.85 -12.59 -25.23
N ARG C 238 -20.63 -12.93 -24.83
CA ARG C 238 -20.43 -13.80 -23.68
C ARG C 238 -20.92 -13.11 -22.41
N TYR C 239 -20.65 -11.82 -22.30
CA TYR C 239 -21.08 -11.06 -21.13
C TYR C 239 -22.59 -10.89 -21.18
N GLN C 240 -23.12 -10.70 -22.38
CA GLN C 240 -24.56 -10.56 -22.56
C GLN C 240 -25.18 -11.89 -22.14
N GLY C 241 -24.46 -12.97 -22.41
CA GLY C 241 -24.92 -14.30 -22.05
C GLY C 241 -24.96 -14.52 -20.55
N ILE C 242 -23.97 -13.97 -19.85
CA ILE C 242 -23.92 -14.11 -18.40
C ILE C 242 -25.11 -13.38 -17.79
N VAL C 243 -25.41 -12.20 -18.32
CA VAL C 243 -26.54 -11.42 -17.85
C VAL C 243 -27.83 -12.21 -18.02
N LYS C 244 -27.99 -12.84 -19.17
CA LYS C 244 -29.17 -13.64 -19.46
C LYS C 244 -29.23 -14.86 -18.56
N ALA C 245 -28.10 -15.58 -18.47
CA ALA C 245 -28.02 -16.78 -17.65
C ALA C 245 -28.42 -16.52 -16.19
N LEU C 246 -27.90 -15.44 -15.60
CA LEU C 246 -28.23 -15.14 -14.21
C LEU C 246 -29.70 -14.74 -14.09
N LYS C 247 -30.19 -14.01 -15.07
CA LYS C 247 -31.59 -13.56 -15.08
C LYS C 247 -32.52 -14.76 -15.15
N GLU C 248 -32.04 -15.84 -15.76
CA GLU C 248 -32.84 -17.06 -15.89
C GLU C 248 -32.55 -18.00 -14.73
N GLY C 249 -31.67 -17.57 -13.83
CA GLY C 249 -31.33 -18.40 -12.69
C GLY C 249 -30.45 -19.57 -13.09
N ASP C 250 -29.82 -19.48 -14.25
CA ASP C 250 -28.95 -20.53 -14.74
C ASP C 250 -27.51 -20.24 -14.32
N ILE C 251 -27.18 -20.61 -13.09
CA ILE C 251 -25.86 -20.37 -12.53
C ILE C 251 -24.70 -21.08 -13.23
N GLN C 252 -24.86 -22.37 -13.52
CA GLN C 252 -23.79 -23.11 -14.16
C GLN C 252 -23.37 -22.52 -15.50
N THR C 253 -24.34 -22.02 -16.26
CA THR C 253 -24.01 -21.41 -17.56
C THR C 253 -23.26 -20.12 -17.32
N ALA C 254 -23.69 -19.36 -16.32
CA ALA C 254 -23.04 -18.09 -15.98
C ALA C 254 -21.58 -18.35 -15.62
N GLN C 255 -21.35 -19.40 -14.82
CA GLN C 255 -20.01 -19.75 -14.39
C GLN C 255 -19.16 -20.20 -15.57
N LYS C 256 -19.75 -21.02 -16.44
CA LYS C 256 -19.02 -21.52 -17.61
C LYS C 256 -18.61 -20.37 -18.50
N LEU C 257 -19.53 -19.42 -18.73
CA LEU C 257 -19.22 -18.27 -19.57
C LEU C 257 -18.15 -17.40 -18.91
N GLN C 258 -18.25 -17.20 -17.60
CA GLN C 258 -17.26 -16.38 -16.91
C GLN C 258 -15.89 -17.04 -16.98
N THR C 259 -15.86 -18.36 -16.83
CA THR C 259 -14.60 -19.09 -16.89
C THR C 259 -13.94 -18.94 -18.25
N GLU C 260 -14.75 -18.99 -19.31
CA GLU C 260 -14.20 -18.83 -20.65
C GLU C 260 -13.63 -17.43 -20.83
N CYS C 261 -14.32 -16.43 -20.28
CA CYS C 261 -13.85 -15.06 -20.36
C CYS C 261 -12.52 -14.90 -19.62
N ASN C 262 -12.42 -15.54 -18.47
CA ASN C 262 -11.19 -15.45 -17.68
C ASN C 262 -10.01 -16.17 -18.31
N LYS C 263 -10.27 -17.21 -19.08
CA LYS C 263 -9.18 -17.92 -19.73
C LYS C 263 -8.56 -16.97 -20.74
N VAL C 264 -9.41 -16.17 -21.37
CA VAL C 264 -8.99 -15.18 -22.35
C VAL C 264 -8.31 -14.01 -21.64
N ILE C 265 -8.88 -13.61 -20.51
CA ILE C 265 -8.32 -12.50 -19.75
C ILE C 265 -6.94 -12.88 -19.23
N ASP C 266 -6.76 -14.15 -18.86
CA ASP C 266 -5.47 -14.62 -18.38
C ASP C 266 -4.43 -14.34 -19.47
N LEU C 267 -4.80 -14.68 -20.70
CA LEU C 267 -3.92 -14.48 -21.85
C LEU C 267 -3.63 -13.02 -22.15
N LEU C 268 -4.69 -12.21 -22.24
CA LEU C 268 -4.54 -10.79 -22.54
C LEU C 268 -3.67 -10.07 -21.52
N ILE C 269 -3.72 -10.50 -20.26
CA ILE C 269 -2.91 -9.88 -19.24
C ILE C 269 -1.43 -10.21 -19.51
N LYS C 270 -1.17 -11.41 -20.00
CA LYS C 270 0.19 -11.82 -20.33
C LYS C 270 0.74 -11.06 -21.54
N THR C 271 -0.09 -10.91 -22.57
CA THR C 271 0.32 -10.23 -23.79
C THR C 271 0.26 -8.71 -23.70
N GLY C 272 -0.59 -8.22 -22.81
CA GLY C 272 -0.80 -6.79 -22.69
C GLY C 272 -2.22 -6.69 -23.21
N VAL C 273 -3.14 -6.19 -22.38
CA VAL C 273 -4.54 -6.14 -22.76
C VAL C 273 -4.94 -5.36 -24.01
N PHE C 274 -4.62 -4.08 -24.09
CA PHE C 274 -5.00 -3.29 -25.26
C PHE C 274 -4.42 -3.85 -26.57
N ARG C 275 -3.11 -4.08 -26.60
CA ARG C 275 -2.49 -4.58 -27.82
C ARG C 275 -2.94 -6.01 -28.11
N GLY C 276 -3.20 -6.77 -27.07
CA GLY C 276 -3.67 -8.13 -27.26
C GLY C 276 -5.04 -8.14 -27.90
N LEU C 277 -5.89 -7.19 -27.49
CA LEU C 277 -7.24 -7.06 -28.03
C LEU C 277 -7.18 -6.60 -29.49
N LYS C 278 -6.34 -5.61 -29.75
CA LYS C 278 -6.18 -5.08 -31.10
C LYS C 278 -5.63 -6.13 -32.06
N THR C 279 -4.76 -6.99 -31.55
CA THR C 279 -4.17 -8.05 -32.37
C THR C 279 -5.23 -9.06 -32.74
N VAL C 280 -6.07 -9.42 -31.77
CA VAL C 280 -7.15 -10.37 -32.02
C VAL C 280 -8.09 -9.76 -33.06
N LEU C 281 -8.45 -8.50 -32.84
CA LEU C 281 -9.34 -7.77 -33.74
C LEU C 281 -8.75 -7.70 -35.15
N HIS C 282 -7.43 -7.63 -35.23
CA HIS C 282 -6.75 -7.56 -36.52
C HIS C 282 -6.96 -8.89 -37.24
N TYR C 283 -6.77 -10.00 -36.51
CA TYR C 283 -6.95 -11.32 -37.10
C TYR C 283 -8.41 -11.57 -37.45
N MET C 284 -9.28 -10.65 -37.00
CA MET C 284 -10.71 -10.76 -37.30
C MET C 284 -11.04 -9.82 -38.45
N ASP C 285 -10.01 -9.27 -39.07
CA ASP C 285 -10.16 -8.35 -40.20
C ASP C 285 -10.87 -7.06 -39.82
N VAL C 286 -10.77 -6.68 -38.56
CA VAL C 286 -11.41 -5.45 -38.10
C VAL C 286 -10.40 -4.32 -37.98
N VAL C 287 -9.28 -4.60 -37.34
CA VAL C 287 -8.23 -3.61 -37.15
C VAL C 287 -7.05 -3.87 -38.09
N SER C 288 -6.66 -2.85 -38.84
CA SER C 288 -5.55 -2.96 -39.80
C SER C 288 -4.18 -3.13 -39.17
N VAL C 289 -3.82 -2.23 -38.26
CA VAL C 289 -2.53 -2.26 -37.56
C VAL C 289 -2.84 -2.28 -36.07
N PRO C 290 -2.57 -3.42 -35.40
CA PRO C 290 -2.81 -3.62 -33.96
C PRO C 290 -1.85 -2.95 -32.99
N LEU C 291 -1.35 -1.77 -33.32
CA LEU C 291 -0.40 -1.09 -32.44
C LEU C 291 -1.05 -0.13 -31.45
N CYS C 292 -0.43 0.00 -30.28
CA CYS C 292 -0.85 0.93 -29.25
C CYS C 292 0.19 2.04 -29.33
N ARG C 293 -0.10 3.19 -28.74
CA ARG C 293 0.85 4.30 -28.78
C ARG C 293 1.93 4.17 -27.71
N LYS C 294 3.13 4.64 -28.05
CA LYS C 294 4.25 4.59 -27.11
C LYS C 294 3.88 5.46 -25.92
N PRO C 295 4.41 5.13 -24.73
CA PRO C 295 5.32 4.03 -24.39
C PRO C 295 4.86 2.58 -24.48
N PHE C 296 3.62 2.32 -24.91
CA PHE C 296 3.17 0.93 -25.04
C PHE C 296 4.02 0.29 -26.13
N GLY C 297 4.57 -0.89 -25.85
CA GLY C 297 5.36 -1.58 -26.84
C GLY C 297 4.53 -2.55 -27.64
N PRO C 298 5.12 -3.22 -28.65
CA PRO C 298 4.40 -4.19 -29.47
C PRO C 298 4.19 -5.51 -28.75
N VAL C 299 3.29 -6.33 -29.27
CA VAL C 299 3.02 -7.63 -28.67
C VAL C 299 4.21 -8.56 -28.92
N ASP C 300 4.59 -9.35 -27.92
CA ASP C 300 5.70 -10.27 -28.08
C ASP C 300 5.26 -11.27 -29.13
N GLU C 301 6.08 -11.45 -30.16
CA GLU C 301 5.76 -12.36 -31.25
C GLU C 301 5.41 -13.79 -30.79
N LYS C 302 5.95 -14.20 -29.65
CA LYS C 302 5.69 -15.54 -29.14
C LYS C 302 4.22 -15.76 -28.77
N TYR C 303 3.43 -14.69 -28.71
CA TYR C 303 2.01 -14.80 -28.35
C TYR C 303 1.07 -14.82 -29.55
N LEU C 304 1.59 -14.51 -30.73
CA LEU C 304 0.77 -14.47 -31.92
C LEU C 304 -0.03 -15.74 -32.19
N PRO C 305 0.61 -16.92 -32.06
CA PRO C 305 -0.12 -18.17 -32.30
C PRO C 305 -1.38 -18.29 -31.46
N GLU C 306 -1.25 -17.99 -30.17
CA GLU C 306 -2.39 -18.05 -29.25
C GLU C 306 -3.47 -17.02 -29.57
N LEU C 307 -3.04 -15.80 -29.88
CA LEU C 307 -3.97 -14.74 -30.22
C LEU C 307 -4.70 -15.03 -31.53
N LYS C 308 -3.97 -15.59 -32.49
CA LYS C 308 -4.58 -15.91 -33.78
C LYS C 308 -5.58 -17.04 -33.58
N ALA C 309 -5.21 -18.04 -32.77
CA ALA C 309 -6.09 -19.16 -32.49
C ALA C 309 -7.35 -18.69 -31.78
N LEU C 310 -7.18 -17.76 -30.83
CA LEU C 310 -8.32 -17.23 -30.10
C LEU C 310 -9.25 -16.55 -31.09
N ALA C 311 -8.67 -15.76 -31.98
CA ALA C 311 -9.44 -15.06 -33.00
C ALA C 311 -10.24 -16.06 -33.81
N GLN C 312 -9.62 -17.19 -34.14
CA GLN C 312 -10.28 -18.24 -34.90
C GLN C 312 -11.45 -18.80 -34.11
N GLN C 313 -11.20 -19.10 -32.84
CA GLN C 313 -12.22 -19.64 -31.95
C GLN C 313 -13.43 -18.70 -31.84
N LEU C 314 -13.15 -17.43 -31.55
CA LEU C 314 -14.21 -16.44 -31.39
C LEU C 314 -15.08 -16.23 -32.62
N MET C 315 -14.49 -16.29 -33.80
CA MET C 315 -15.25 -16.11 -35.03
C MET C 315 -16.22 -17.27 -35.27
N GLN C 316 -15.74 -18.49 -35.02
CA GLN C 316 -16.58 -19.67 -35.19
C GLN C 316 -17.72 -19.66 -34.17
N GLU C 317 -17.35 -19.54 -32.90
CA GLU C 317 -18.32 -19.51 -31.81
C GLU C 317 -19.45 -18.54 -32.12
N ARG C 318 -19.09 -17.34 -32.54
CA ARG C 318 -20.08 -16.32 -32.87
C ARG C 318 -20.91 -16.75 -34.09
N MET D 23 23.09 10.85 33.63
CA MET D 23 23.92 9.65 33.27
C MET D 23 23.36 8.38 33.88
N ALA D 24 22.91 8.48 35.13
CA ALA D 24 22.36 7.33 35.83
C ALA D 24 20.92 7.06 35.37
N THR D 25 20.28 8.06 34.79
CA THR D 25 18.90 7.93 34.32
C THR D 25 18.75 8.21 32.83
N ASN D 26 19.83 8.66 32.20
CA ASN D 26 19.79 8.97 30.78
C ASN D 26 19.62 7.75 29.89
N LEU D 27 18.55 7.76 29.08
CA LEU D 27 18.29 6.65 28.17
C LEU D 27 18.78 6.96 26.76
N ARG D 28 19.32 8.15 26.56
CA ARG D 28 19.83 8.54 25.24
C ARG D 28 21.10 7.76 24.90
N GLY D 29 21.27 7.43 23.62
CA GLY D 29 22.45 6.70 23.23
C GLY D 29 22.28 5.64 22.16
N VAL D 30 23.35 4.88 21.94
CA VAL D 30 23.39 3.83 20.95
C VAL D 30 23.26 2.49 21.65
N MET D 31 22.13 1.83 21.45
CA MET D 31 21.88 0.57 22.12
C MET D 31 21.55 -0.56 21.17
N ALA D 32 22.24 -1.69 21.35
CA ALA D 32 22.03 -2.83 20.48
C ALA D 32 20.74 -3.60 20.77
N ALA D 33 20.07 -3.98 19.68
CA ALA D 33 18.85 -4.79 19.78
C ALA D 33 19.47 -6.19 19.87
N LEU D 34 19.43 -6.77 21.06
CA LEU D 34 20.04 -8.07 21.31
C LEU D 34 19.43 -9.28 20.63
N LEU D 35 20.31 -10.12 20.08
CA LEU D 35 19.89 -11.35 19.43
C LEU D 35 19.80 -12.44 20.50
N THR D 36 19.07 -13.51 20.21
CA THR D 36 18.94 -14.61 21.14
C THR D 36 19.58 -15.86 20.56
N PRO D 37 20.77 -16.24 21.06
CA PRO D 37 21.45 -17.44 20.55
C PRO D 37 20.70 -18.71 20.93
N PHE D 38 20.59 -19.63 19.99
CA PHE D 38 19.91 -20.91 20.24
C PHE D 38 20.91 -22.04 20.01
N ASP D 39 20.66 -23.20 20.60
CA ASP D 39 21.56 -24.34 20.39
C ASP D 39 21.03 -25.14 19.21
N GLN D 40 21.66 -26.27 18.91
CA GLN D 40 21.26 -27.10 17.79
C GLN D 40 19.81 -27.55 17.84
N GLN D 41 19.23 -27.56 19.03
CA GLN D 41 17.83 -27.97 19.19
C GLN D 41 16.88 -26.78 19.29
N GLN D 42 17.35 -25.60 18.91
CA GLN D 42 16.53 -24.39 18.94
C GLN D 42 16.19 -23.91 20.34
N ALA D 43 16.89 -24.43 21.35
CA ALA D 43 16.66 -24.01 22.72
C ALA D 43 17.64 -22.90 23.02
N LEU D 44 17.33 -22.06 24.00
CA LEU D 44 18.23 -20.97 24.36
C LEU D 44 19.62 -21.51 24.69
N ASP D 45 20.64 -20.86 24.14
CA ASP D 45 22.04 -21.21 24.40
C ASP D 45 22.48 -20.15 25.39
N LYS D 46 22.40 -20.47 26.69
CA LYS D 46 22.75 -19.53 27.74
C LYS D 46 24.18 -19.03 27.70
N ALA D 47 25.13 -19.93 27.47
CA ALA D 47 26.53 -19.55 27.41
C ALA D 47 26.76 -18.51 26.31
N SER D 48 26.17 -18.75 25.14
CA SER D 48 26.31 -17.81 24.02
C SER D 48 25.61 -16.48 24.30
N LEU D 49 24.45 -16.54 24.97
CA LEU D 49 23.74 -15.31 25.30
C LEU D 49 24.62 -14.47 26.20
N ARG D 50 25.21 -15.10 27.22
CA ARG D 50 26.09 -14.38 28.14
C ARG D 50 27.27 -13.78 27.40
N ARG D 51 27.88 -14.55 26.51
CA ARG D 51 29.02 -14.05 25.75
C ARG D 51 28.63 -12.86 24.88
N LEU D 52 27.45 -12.93 24.27
CA LEU D 52 26.99 -11.83 23.42
C LEU D 52 26.77 -10.56 24.24
N VAL D 53 26.23 -10.70 25.44
CA VAL D 53 26.01 -9.53 26.28
C VAL D 53 27.37 -8.89 26.59
N GLN D 54 28.33 -9.72 27.01
CA GLN D 54 29.66 -9.21 27.33
C GLN D 54 30.32 -8.62 26.09
N PHE D 55 30.16 -9.28 24.96
CA PHE D 55 30.74 -8.80 23.71
C PHE D 55 30.25 -7.39 23.41
N ASN D 56 28.95 -7.17 23.61
CA ASN D 56 28.37 -5.85 23.37
C ASN D 56 28.92 -4.83 24.35
N ILE D 57 29.04 -5.23 25.62
CA ILE D 57 29.56 -4.32 26.62
C ILE D 57 30.99 -3.90 26.27
N GLN D 58 31.79 -4.87 25.83
CA GLN D 58 33.17 -4.58 25.48
C GLN D 58 33.37 -3.63 24.30
N GLN D 59 32.43 -3.61 23.36
CA GLN D 59 32.60 -2.71 22.23
C GLN D 59 32.08 -1.30 22.51
N GLY D 60 31.80 -1.01 23.78
CA GLY D 60 31.35 0.31 24.18
C GLY D 60 29.90 0.70 23.93
N ILE D 61 29.03 -0.30 23.79
CA ILE D 61 27.61 -0.04 23.57
C ILE D 61 27.02 0.68 24.79
N ASP D 62 26.07 1.59 24.58
CA ASP D 62 25.47 2.34 25.69
C ASP D 62 24.45 1.50 26.47
N GLY D 63 23.89 0.50 25.81
CA GLY D 63 22.92 -0.33 26.47
C GLY D 63 22.39 -1.39 25.54
N LEU D 64 21.44 -2.18 26.03
CA LEU D 64 20.85 -3.24 25.23
C LEU D 64 19.33 -3.15 25.28
N TYR D 65 18.72 -3.45 24.14
CA TYR D 65 17.27 -3.47 23.99
C TYR D 65 16.99 -4.97 23.89
N VAL D 66 16.39 -5.54 24.93
CA VAL D 66 16.16 -6.98 25.02
C VAL D 66 14.72 -7.47 24.84
N GLY D 67 14.56 -8.55 24.08
CA GLY D 67 13.24 -9.12 23.87
C GLY D 67 12.42 -8.49 22.77
N GLY D 68 13.08 -7.83 21.83
CA GLY D 68 12.38 -7.21 20.73
C GLY D 68 12.34 -8.13 19.52
N SER D 69 12.07 -7.57 18.34
CA SER D 69 12.01 -8.37 17.13
C SER D 69 13.31 -9.14 16.92
N THR D 70 14.43 -8.44 17.14
CA THR D 70 15.75 -9.03 16.94
C THR D 70 16.07 -10.18 17.89
N GLY D 71 15.41 -10.19 19.04
CA GLY D 71 15.63 -11.26 19.99
C GLY D 71 14.74 -12.44 19.66
N GLU D 72 14.05 -12.35 18.53
CA GLU D 72 13.13 -13.39 18.06
C GLU D 72 12.06 -13.66 19.12
N ALA D 73 11.72 -12.62 19.87
CA ALA D 73 10.72 -12.70 20.93
C ALA D 73 9.37 -13.21 20.45
N PHE D 74 9.05 -12.98 19.18
CA PHE D 74 7.77 -13.41 18.67
C PHE D 74 7.67 -14.87 18.28
N VAL D 75 8.76 -15.61 18.47
CA VAL D 75 8.75 -17.06 18.24
C VAL D 75 9.22 -17.72 19.54
N GLN D 76 9.05 -16.99 20.65
CA GLN D 76 9.41 -17.48 21.97
C GLN D 76 8.17 -17.44 22.85
N SER D 77 8.16 -18.23 23.91
CA SER D 77 7.03 -18.24 24.84
C SER D 77 7.28 -17.15 25.86
N LEU D 78 6.30 -16.89 26.73
CA LEU D 78 6.49 -15.86 27.74
C LEU D 78 7.60 -16.25 28.70
N SER D 79 7.62 -17.52 29.13
CA SER D 79 8.65 -17.97 30.04
C SER D 79 10.04 -17.88 29.41
N GLU D 80 10.13 -18.15 28.10
CA GLU D 80 11.42 -18.06 27.42
C GLU D 80 11.88 -16.62 27.37
N ARG D 81 10.96 -15.69 27.15
CA ARG D 81 11.32 -14.28 27.11
C ARG D 81 11.78 -13.80 28.49
N GLU D 82 11.12 -14.29 29.54
CA GLU D 82 11.49 -13.90 30.91
C GLU D 82 12.87 -14.44 31.24
N GLN D 83 13.16 -15.65 30.76
CA GLN D 83 14.46 -16.27 31.01
C GLN D 83 15.59 -15.42 30.41
N VAL D 84 15.37 -14.94 29.19
CA VAL D 84 16.36 -14.11 28.53
C VAL D 84 16.54 -12.81 29.31
N LEU D 85 15.43 -12.18 29.70
CA LEU D 85 15.52 -10.95 30.47
C LEU D 85 16.30 -11.14 31.76
N GLU D 86 16.02 -12.23 32.47
CA GLU D 86 16.70 -12.48 33.74
C GLU D 86 18.20 -12.68 33.56
N ILE D 87 18.59 -13.47 32.57
CA ILE D 87 20.01 -13.72 32.32
C ILE D 87 20.75 -12.45 31.89
N VAL D 88 20.16 -11.67 30.99
CA VAL D 88 20.81 -10.44 30.55
C VAL D 88 21.01 -9.49 31.72
N ALA D 89 20.03 -9.40 32.61
CA ALA D 89 20.13 -8.53 33.77
C ALA D 89 21.27 -8.98 34.70
N GLU D 90 21.39 -10.29 34.90
CA GLU D 90 22.46 -10.81 35.75
C GLU D 90 23.82 -10.46 35.17
N GLU D 91 23.91 -10.47 33.84
CA GLU D 91 25.16 -10.17 33.15
C GLU D 91 25.49 -8.68 32.99
N ALA D 92 24.47 -7.86 32.77
CA ALA D 92 24.71 -6.44 32.52
C ALA D 92 24.11 -5.40 33.47
N LYS D 93 23.16 -5.78 34.32
CA LYS D 93 22.58 -4.79 35.21
C LYS D 93 23.69 -3.96 35.85
N GLY D 94 23.59 -2.64 35.72
CA GLY D 94 24.58 -1.75 36.29
C GLY D 94 25.66 -1.33 35.30
N LYS D 95 26.18 -2.29 34.53
CA LYS D 95 27.23 -2.00 33.56
C LYS D 95 26.78 -1.08 32.44
N ILE D 96 25.64 -1.41 31.84
CA ILE D 96 25.07 -0.61 30.75
C ILE D 96 23.58 -0.46 30.97
N LYS D 97 22.94 0.42 30.19
CA LYS D 97 21.50 0.61 30.32
C LYS D 97 20.80 -0.61 29.73
N LEU D 98 19.68 -0.99 30.32
CA LEU D 98 18.92 -2.15 29.85
C LEU D 98 17.46 -1.80 29.66
N ILE D 99 16.97 -2.02 28.44
CA ILE D 99 15.57 -1.75 28.11
C ILE D 99 14.91 -3.09 27.80
N ALA D 100 13.81 -3.39 28.47
CA ALA D 100 13.12 -4.64 28.24
C ALA D 100 11.91 -4.48 27.33
N HIS D 101 11.94 -5.12 26.16
CA HIS D 101 10.78 -5.04 25.29
C HIS D 101 9.84 -6.12 25.82
N VAL D 102 8.75 -5.69 26.41
CA VAL D 102 7.78 -6.59 27.01
C VAL D 102 6.50 -6.70 26.18
N GLY D 103 6.50 -6.06 25.01
CA GLY D 103 5.33 -6.07 24.16
C GLY D 103 4.89 -7.39 23.56
N CYS D 104 3.58 -7.64 23.65
CA CYS D 104 2.93 -8.82 23.09
C CYS D 104 1.65 -8.27 22.46
N VAL D 105 0.92 -9.10 21.74
CA VAL D 105 -0.34 -8.62 21.16
C VAL D 105 -1.29 -8.46 22.35
N SER D 106 -1.21 -9.40 23.28
CA SER D 106 -2.03 -9.40 24.49
C SER D 106 -1.53 -8.41 25.54
N THR D 107 -2.45 -7.65 26.12
CA THR D 107 -2.07 -6.69 27.16
C THR D 107 -1.64 -7.43 28.43
N ALA D 108 -2.37 -8.48 28.80
CA ALA D 108 -2.06 -9.24 30.02
C ALA D 108 -0.67 -9.85 29.97
N GLU D 109 -0.30 -10.41 28.82
CA GLU D 109 1.02 -11.01 28.68
C GLU D 109 2.10 -9.92 28.80
N SER D 110 1.83 -8.78 28.18
CA SER D 110 2.77 -7.66 28.24
C SER D 110 2.95 -7.19 29.68
N GLN D 111 1.86 -7.19 30.45
CA GLN D 111 1.91 -6.77 31.85
C GLN D 111 2.78 -7.71 32.68
N GLN D 112 2.70 -9.00 32.37
CA GLN D 112 3.50 -9.97 33.10
C GLN D 112 4.98 -9.70 32.85
N LEU D 113 5.35 -9.52 31.58
CA LEU D 113 6.74 -9.26 31.24
C LEU D 113 7.20 -7.93 31.86
N ALA D 114 6.30 -6.95 31.94
CA ALA D 114 6.65 -5.65 32.52
C ALA D 114 7.02 -5.81 34.00
N ALA D 115 6.23 -6.59 34.74
CA ALA D 115 6.49 -6.80 36.16
C ALA D 115 7.82 -7.55 36.32
N SER D 116 8.10 -8.48 35.42
CA SER D 116 9.35 -9.24 35.49
C SER D 116 10.53 -8.32 35.23
N ALA D 117 10.39 -7.41 34.27
CA ALA D 117 11.45 -6.48 33.94
C ALA D 117 11.80 -5.61 35.15
N LYS D 118 10.79 -5.18 35.89
CA LYS D 118 11.08 -4.37 37.07
C LYS D 118 11.77 -5.22 38.12
N ARG D 119 11.26 -6.43 38.31
CA ARG D 119 11.81 -7.37 39.27
C ARG D 119 13.28 -7.66 39.00
N TYR D 120 13.65 -7.73 37.71
CA TYR D 120 15.03 -8.02 37.34
C TYR D 120 15.93 -6.78 37.35
N GLY D 121 15.33 -5.61 37.52
CA GLY D 121 16.11 -4.39 37.58
C GLY D 121 16.44 -3.69 36.27
N PHE D 122 15.56 -3.80 35.28
CA PHE D 122 15.80 -3.11 34.00
C PHE D 122 15.60 -1.61 34.20
N ASP D 123 16.16 -0.81 33.29
CA ASP D 123 16.05 0.64 33.39
C ASP D 123 14.78 1.18 32.72
N ALA D 124 14.20 0.37 31.86
CA ALA D 124 12.98 0.77 31.16
C ALA D 124 12.33 -0.41 30.48
N VAL D 125 11.09 -0.21 30.03
CA VAL D 125 10.35 -1.24 29.31
C VAL D 125 9.97 -0.64 27.97
N SER D 126 9.56 -1.48 27.03
CA SER D 126 9.16 -1.00 25.70
C SER D 126 8.13 -1.96 25.16
N ALA D 127 7.28 -1.48 24.25
CA ALA D 127 6.27 -2.35 23.70
C ALA D 127 5.90 -1.94 22.29
N VAL D 128 5.92 -2.92 21.39
CA VAL D 128 5.55 -2.66 20.01
C VAL D 128 4.04 -2.46 20.02
N THR D 129 3.52 -1.70 19.07
CA THR D 129 2.08 -1.51 18.98
C THR D 129 1.51 -2.90 18.71
N PRO D 130 0.52 -3.35 19.52
CA PRO D 130 -0.03 -4.69 19.28
C PRO D 130 -0.48 -4.87 17.83
N PHE D 131 -0.15 -6.02 17.26
CA PHE D 131 -0.43 -6.31 15.86
C PHE D 131 -1.42 -7.43 15.53
N TYR D 132 -1.49 -7.72 14.23
CA TYR D 132 -2.37 -8.72 13.62
C TYR D 132 -3.81 -8.24 13.61
N TYR D 133 -4.42 -8.15 14.80
CA TYR D 133 -5.79 -7.66 14.90
C TYR D 133 -5.79 -6.14 14.80
N PRO D 134 -6.80 -5.56 14.14
CA PRO D 134 -6.85 -4.11 14.03
C PRO D 134 -7.35 -3.58 15.38
N PHE D 135 -6.66 -2.61 15.96
CA PHE D 135 -7.09 -2.03 17.22
C PHE D 135 -7.23 -0.54 16.98
N SER D 136 -8.19 0.09 17.65
CA SER D 136 -8.40 1.53 17.51
C SER D 136 -7.24 2.22 18.22
N PHE D 137 -7.07 3.51 17.95
CA PHE D 137 -5.99 4.24 18.60
C PHE D 137 -6.22 4.28 20.11
N GLU D 138 -7.49 4.42 20.52
CA GLU D 138 -7.82 4.43 21.93
C GLU D 138 -7.37 3.12 22.58
N GLU D 139 -7.59 2.00 21.90
CA GLU D 139 -7.17 0.71 22.44
C GLU D 139 -5.66 0.62 22.55
N HIS D 140 -4.95 1.18 21.57
CA HIS D 140 -3.49 1.18 21.63
C HIS D 140 -3.07 2.01 22.84
N CYS D 141 -3.68 3.18 23.01
CA CYS D 141 -3.35 4.02 24.15
C CYS D 141 -3.56 3.33 25.49
N ASP D 142 -4.71 2.68 25.67
CA ASP D 142 -4.98 2.00 26.92
C ASP D 142 -4.02 0.83 27.13
N HIS D 143 -3.56 0.23 26.03
CA HIS D 143 -2.62 -0.89 26.09
C HIS D 143 -1.33 -0.38 26.73
N TYR D 144 -0.84 0.76 26.25
CA TYR D 144 0.38 1.35 26.79
C TYR D 144 0.19 1.76 28.25
N ARG D 145 -0.97 2.34 28.56
CA ARG D 145 -1.26 2.77 29.93
C ARG D 145 -1.18 1.59 30.89
N ALA D 146 -1.78 0.46 30.50
CA ALA D 146 -1.78 -0.73 31.32
C ALA D 146 -0.39 -1.29 31.56
N ILE D 147 0.44 -1.30 30.52
CA ILE D 147 1.81 -1.81 30.66
C ILE D 147 2.63 -0.87 31.53
N ILE D 148 2.44 0.43 31.34
CA ILE D 148 3.16 1.43 32.13
C ILE D 148 2.83 1.22 33.60
N ASP D 149 1.56 0.93 33.89
CA ASP D 149 1.14 0.69 35.26
C ASP D 149 1.91 -0.50 35.84
N SER D 150 1.96 -1.59 35.09
CA SER D 150 2.67 -2.78 35.56
C SER D 150 4.20 -2.61 35.62
N ALA D 151 4.72 -1.61 34.90
CA ALA D 151 6.16 -1.34 34.89
C ALA D 151 6.58 -0.70 36.21
N ASP D 152 5.58 -0.27 36.98
CA ASP D 152 5.79 0.31 38.30
C ASP D 152 6.97 1.28 38.42
N GLY D 153 6.98 2.33 37.60
CA GLY D 153 8.05 3.30 37.67
C GLY D 153 9.04 3.30 36.51
N LEU D 154 9.25 2.16 35.87
CA LEU D 154 10.18 2.10 34.74
C LEU D 154 9.59 2.85 33.55
N PRO D 155 10.36 3.79 32.96
CA PRO D 155 9.90 4.57 31.80
C PRO D 155 9.55 3.66 30.64
N MET D 156 8.55 4.06 29.85
CA MET D 156 8.12 3.28 28.69
C MET D 156 8.71 3.85 27.41
N VAL D 157 9.16 2.97 26.54
CA VAL D 157 9.69 3.37 25.24
C VAL D 157 8.68 2.91 24.21
N VAL D 158 7.90 3.84 23.68
CA VAL D 158 6.91 3.49 22.66
C VAL D 158 7.71 2.98 21.46
N TYR D 159 7.18 1.97 20.77
CA TYR D 159 7.88 1.37 19.64
C TYR D 159 7.05 1.40 18.37
N ASN D 160 7.44 2.29 17.46
CA ASN D 160 6.75 2.48 16.19
C ASN D 160 7.51 1.81 15.05
N ILE D 161 6.95 0.73 14.51
CA ILE D 161 7.57 -0.02 13.41
C ILE D 161 6.48 -0.53 12.47
N PRO D 162 5.86 0.39 11.72
CA PRO D 162 4.79 0.07 10.77
C PRO D 162 5.06 -1.03 9.75
N ALA D 163 6.30 -1.12 9.28
CA ALA D 163 6.65 -2.13 8.29
C ALA D 163 6.37 -3.55 8.77
N LEU D 164 6.60 -3.82 10.06
CA LEU D 164 6.36 -5.16 10.58
C LEU D 164 5.02 -5.31 11.30
N SER D 165 4.62 -4.28 12.04
CA SER D 165 3.37 -4.34 12.79
C SER D 165 2.12 -4.12 11.94
N GLY D 166 2.28 -3.36 10.87
CA GLY D 166 1.14 -3.06 10.02
C GLY D 166 0.32 -1.93 10.61
N VAL D 167 0.79 -1.37 11.72
CA VAL D 167 0.08 -0.27 12.38
C VAL D 167 0.64 1.06 11.91
N LYS D 168 -0.19 1.84 11.22
CA LYS D 168 0.23 3.14 10.71
C LYS D 168 -0.36 4.26 11.56
N LEU D 169 0.50 4.92 12.31
CA LEU D 169 0.08 6.02 13.18
C LEU D 169 0.30 7.36 12.50
N THR D 170 -0.53 8.35 12.82
CA THR D 170 -0.37 9.68 12.27
C THR D 170 0.55 10.42 13.23
N LEU D 171 1.02 11.59 12.84
CA LEU D 171 1.89 12.37 13.72
C LEU D 171 1.13 12.75 14.99
N ASP D 172 -0.13 13.13 14.85
CA ASP D 172 -0.92 13.48 16.02
C ASP D 172 -1.03 12.30 16.99
N GLN D 173 -1.18 11.09 16.45
CA GLN D 173 -1.30 9.91 17.30
C GLN D 173 0.04 9.61 17.99
N ILE D 174 1.14 9.82 17.26
CA ILE D 174 2.45 9.58 17.86
C ILE D 174 2.65 10.61 18.98
N ASN D 175 2.22 11.83 18.75
CA ASN D 175 2.34 12.89 19.75
C ASN D 175 1.58 12.52 21.02
N THR D 176 0.38 11.97 20.86
CA THR D 176 -0.42 11.56 22.01
C THR D 176 0.28 10.44 22.78
N LEU D 177 0.79 9.45 22.06
CA LEU D 177 1.46 8.32 22.70
C LEU D 177 2.70 8.71 23.51
N VAL D 178 3.57 9.52 22.92
CA VAL D 178 4.80 9.90 23.61
C VAL D 178 4.60 10.89 24.75
N THR D 179 3.39 11.43 24.91
CA THR D 179 3.12 12.35 25.99
C THR D 179 2.29 11.70 27.09
N LEU D 180 2.03 10.40 26.94
CA LEU D 180 1.28 9.67 27.95
C LEU D 180 2.15 9.63 29.21
N PRO D 181 1.53 9.76 30.39
CA PRO D 181 2.31 9.72 31.63
C PRO D 181 3.12 8.43 31.69
N GLY D 182 4.41 8.54 32.01
CA GLY D 182 5.22 7.34 32.09
C GLY D 182 6.03 7.02 30.84
N VAL D 183 5.74 7.69 29.73
CA VAL D 183 6.50 7.44 28.50
C VAL D 183 7.72 8.34 28.49
N GLY D 184 8.90 7.75 28.31
CA GLY D 184 10.11 8.55 28.29
C GLY D 184 10.92 8.51 27.01
N ALA D 185 10.45 7.74 26.03
CA ALA D 185 11.17 7.62 24.77
C ALA D 185 10.34 7.01 23.66
N LEU D 186 10.85 7.11 22.44
CA LEU D 186 10.19 6.54 21.28
C LEU D 186 11.25 5.90 20.40
N LYS D 187 11.06 4.62 20.06
CA LYS D 187 11.99 3.98 19.14
C LYS D 187 11.25 4.15 17.83
N GLN D 188 11.83 4.97 16.96
CA GLN D 188 11.24 5.30 15.68
C GLN D 188 11.78 4.48 14.52
N THR D 189 11.17 3.32 14.27
CA THR D 189 11.62 2.51 13.16
C THR D 189 10.79 2.90 11.95
N SER D 190 11.12 4.06 11.41
CA SER D 190 10.48 4.63 10.25
C SER D 190 11.54 5.35 9.43
N GLY D 191 11.44 5.27 8.11
CA GLY D 191 12.40 5.93 7.25
C GLY D 191 11.93 7.32 6.86
N ASP D 192 10.83 7.76 7.46
CA ASP D 192 10.27 9.08 7.17
C ASP D 192 10.99 10.12 8.04
N LEU D 193 11.98 10.80 7.46
CA LEU D 193 12.73 11.78 8.23
C LEU D 193 12.07 13.14 8.35
N TYR D 194 10.93 13.31 7.69
CA TYR D 194 10.17 14.55 7.82
C TYR D 194 9.48 14.35 9.17
N GLN D 195 8.88 13.17 9.35
CA GLN D 195 8.20 12.86 10.60
C GLN D 195 9.20 12.88 11.77
N MET D 196 10.40 12.37 11.53
CA MET D 196 11.43 12.36 12.57
C MET D 196 11.67 13.79 13.05
N GLU D 197 11.82 14.72 12.10
CA GLU D 197 12.05 16.12 12.45
C GLU D 197 10.85 16.74 13.14
N GLN D 198 9.65 16.40 12.70
CA GLN D 198 8.42 16.92 13.30
C GLN D 198 8.28 16.44 14.75
N ILE D 199 8.67 15.19 14.99
CA ILE D 199 8.58 14.64 16.34
C ILE D 199 9.55 15.39 17.26
N ARG D 200 10.76 15.61 16.77
CA ARG D 200 11.76 16.33 17.55
C ARG D 200 11.32 17.77 17.82
N ARG D 201 10.74 18.40 16.80
CA ARG D 201 10.29 19.78 16.93
C ARG D 201 9.20 19.91 18.01
N GLU D 202 8.31 18.93 18.06
CA GLU D 202 7.21 18.94 19.03
C GLU D 202 7.64 18.47 20.43
N HIS D 203 8.70 17.67 20.51
CA HIS D 203 9.17 17.13 21.78
C HIS D 203 10.68 17.29 21.91
N PRO D 204 11.14 18.52 22.18
CA PRO D 204 12.58 18.79 22.32
C PRO D 204 13.33 17.92 23.31
N ASP D 205 12.65 17.48 24.37
CA ASP D 205 13.29 16.66 25.41
C ASP D 205 13.11 15.16 25.26
N LEU D 206 12.24 14.74 24.35
CA LEU D 206 12.00 13.31 24.14
C LEU D 206 13.24 12.53 23.69
N VAL D 207 13.46 11.37 24.27
CA VAL D 207 14.58 10.51 23.86
C VAL D 207 14.05 9.88 22.58
N LEU D 208 14.77 10.07 21.48
CA LEU D 208 14.31 9.58 20.17
C LEU D 208 15.33 8.67 19.47
N TYR D 209 15.04 7.37 19.47
CA TYR D 209 15.91 6.37 18.87
C TYR D 209 15.65 6.11 17.39
N ASN D 210 16.68 6.27 16.58
CA ASN D 210 16.58 5.98 15.15
C ASN D 210 16.49 4.45 15.06
N GLY D 211 15.50 3.95 14.31
CA GLY D 211 15.32 2.52 14.20
C GLY D 211 15.89 1.79 12.99
N TYR D 212 16.11 2.48 11.88
CA TYR D 212 16.68 1.84 10.70
C TYR D 212 18.16 2.16 10.63
N ASP D 213 18.99 1.16 10.92
CA ASP D 213 20.44 1.31 10.94
C ASP D 213 20.98 1.98 9.69
N GLU D 214 20.41 1.62 8.54
CA GLU D 214 20.86 2.14 7.25
C GLU D 214 20.69 3.64 7.00
N ILE D 215 20.02 4.35 7.90
CA ILE D 215 19.84 5.79 7.76
C ILE D 215 20.20 6.50 9.06
N PHE D 216 20.96 5.81 9.91
CA PHE D 216 21.36 6.35 11.21
C PHE D 216 21.85 7.80 11.16
N ALA D 217 22.86 8.08 10.33
CA ALA D 217 23.40 9.43 10.23
C ALA D 217 22.32 10.47 9.86
N SER D 218 21.55 10.19 8.82
CA SER D 218 20.50 11.09 8.40
C SER D 218 19.43 11.19 9.49
N GLY D 219 19.22 10.11 10.22
CA GLY D 219 18.23 10.10 11.28
C GLY D 219 18.62 11.06 12.40
N LEU D 220 19.90 11.01 12.81
CA LEU D 220 20.37 11.90 13.85
C LEU D 220 20.26 13.35 13.36
N LEU D 221 20.60 13.58 12.10
CA LEU D 221 20.55 14.94 11.57
C LEU D 221 19.12 15.50 11.61
N ALA D 222 18.14 14.62 11.37
CA ALA D 222 16.75 15.04 11.38
C ALA D 222 16.19 15.27 12.79
N GLY D 223 16.82 14.68 13.80
CA GLY D 223 16.31 14.89 15.15
C GLY D 223 16.54 13.79 16.17
N ALA D 224 16.81 12.56 15.70
CA ALA D 224 17.04 11.48 16.64
C ALA D 224 18.27 11.81 17.48
N ASP D 225 18.32 11.34 18.72
CA ASP D 225 19.47 11.59 19.58
C ASP D 225 20.11 10.30 20.00
N GLY D 226 19.90 9.25 19.21
CA GLY D 226 20.47 7.96 19.50
C GLY D 226 19.86 6.91 18.59
N GLY D 227 20.06 5.64 18.91
CA GLY D 227 19.49 4.60 18.07
C GLY D 227 19.48 3.22 18.71
N ILE D 228 18.65 2.36 18.15
CA ILE D 228 18.55 0.97 18.60
C ILE D 228 18.55 0.18 17.30
N GLY D 229 19.44 -0.80 17.17
CA GLY D 229 19.48 -1.56 15.94
C GLY D 229 20.12 -2.93 16.07
N SER D 230 19.75 -3.82 15.16
CA SER D 230 20.26 -5.20 15.14
C SER D 230 21.76 -5.28 14.81
N THR D 231 22.20 -4.50 13.82
CA THR D 231 23.59 -4.55 13.40
C THR D 231 24.60 -4.02 14.42
N TYR D 232 24.11 -3.36 15.46
CA TYR D 232 24.98 -2.83 16.49
C TYR D 232 25.72 -3.98 17.20
N ASN D 233 25.17 -5.19 17.13
CA ASN D 233 25.78 -6.37 17.76
C ASN D 233 27.16 -6.68 17.20
N ILE D 234 27.38 -6.34 15.93
CA ILE D 234 28.67 -6.63 15.33
C ILE D 234 29.54 -5.43 14.97
N MET D 235 28.96 -4.23 15.01
CA MET D 235 29.72 -3.03 14.68
C MET D 235 29.19 -1.77 15.35
N GLY D 236 28.73 -1.93 16.59
CA GLY D 236 28.19 -0.79 17.34
C GLY D 236 29.14 0.39 17.43
N TRP D 237 30.44 0.11 17.43
CA TRP D 237 31.44 1.16 17.52
C TRP D 237 31.37 2.13 16.34
N ARG D 238 30.92 1.64 15.18
CA ARG D 238 30.79 2.47 14.00
C ARG D 238 29.67 3.48 14.21
N TYR D 239 28.56 3.03 14.77
CA TYR D 239 27.45 3.93 15.02
C TYR D 239 27.87 4.96 16.05
N GLN D 240 28.66 4.55 17.04
CA GLN D 240 29.15 5.48 18.04
C GLN D 240 30.06 6.49 17.33
N GLY D 241 30.79 6.00 16.33
CA GLY D 241 31.68 6.88 15.57
C GLY D 241 30.91 7.92 14.80
N ILE D 242 29.74 7.55 14.29
CA ILE D 242 28.88 8.47 13.54
C ILE D 242 28.37 9.54 14.49
N VAL D 243 27.98 9.14 15.70
CA VAL D 243 27.49 10.08 16.69
C VAL D 243 28.57 11.13 16.97
N LYS D 244 29.79 10.64 17.21
CA LYS D 244 30.93 11.49 17.50
C LYS D 244 31.25 12.42 16.33
N ALA D 245 31.32 11.86 15.13
CA ALA D 245 31.61 12.62 13.93
C ALA D 245 30.67 13.82 13.77
N LEU D 246 29.36 13.56 13.79
CA LEU D 246 28.38 14.63 13.63
C LEU D 246 28.51 15.66 14.74
N LYS D 247 28.82 15.21 15.94
CA LYS D 247 28.96 16.11 17.06
C LYS D 247 30.14 17.05 16.86
N GLU D 248 31.19 16.55 16.21
CA GLU D 248 32.39 17.33 15.95
C GLU D 248 32.36 18.04 14.59
N GLY D 249 31.23 17.94 13.90
CA GLY D 249 31.09 18.59 12.60
C GLY D 249 31.88 17.93 11.49
N ASP D 250 32.28 16.69 11.71
CA ASP D 250 33.04 15.94 10.71
C ASP D 250 32.09 15.12 9.84
N ILE D 251 31.44 15.80 8.89
CA ILE D 251 30.49 15.16 8.00
C ILE D 251 31.07 14.07 7.10
N GLN D 252 32.26 14.30 6.56
CA GLN D 252 32.89 13.32 5.70
C GLN D 252 33.05 11.99 6.44
N THR D 253 33.49 12.04 7.69
CA THR D 253 33.68 10.82 8.47
C THR D 253 32.33 10.17 8.76
N ALA D 254 31.32 10.99 9.06
CA ALA D 254 30.00 10.47 9.34
C ALA D 254 29.49 9.68 8.14
N GLN D 255 29.66 10.25 6.94
CA GLN D 255 29.20 9.60 5.71
C GLN D 255 29.98 8.32 5.42
N LYS D 256 31.30 8.37 5.65
CA LYS D 256 32.16 7.23 5.41
C LYS D 256 31.70 6.05 6.27
N LEU D 257 31.47 6.31 7.56
CA LEU D 257 31.03 5.26 8.46
C LEU D 257 29.64 4.74 8.09
N GLN D 258 28.74 5.64 7.71
CA GLN D 258 27.39 5.21 7.35
C GLN D 258 27.46 4.32 6.11
N THR D 259 28.33 4.69 5.17
CA THR D 259 28.48 3.91 3.94
C THR D 259 29.02 2.53 4.25
N GLU D 260 29.97 2.43 5.17
CA GLU D 260 30.51 1.12 5.51
C GLU D 260 29.44 0.27 6.18
N CYS D 261 28.61 0.89 7.02
CA CYS D 261 27.54 0.16 7.68
C CYS D 261 26.55 -0.34 6.63
N ASN D 262 26.24 0.52 5.66
CA ASN D 262 25.29 0.15 4.62
C ASN D 262 25.78 -0.96 3.70
N LYS D 263 27.09 -1.06 3.50
CA LYS D 263 27.63 -2.14 2.67
C LYS D 263 27.32 -3.44 3.39
N VAL D 264 27.46 -3.42 4.71
CA VAL D 264 27.18 -4.59 5.53
C VAL D 264 25.69 -4.88 5.55
N ILE D 265 24.88 -3.84 5.70
CA ILE D 265 23.44 -4.02 5.74
C ILE D 265 22.93 -4.61 4.42
N ASP D 266 23.54 -4.19 3.30
CA ASP D 266 23.17 -4.72 1.99
C ASP D 266 23.28 -6.25 2.03
N LEU D 267 24.42 -6.71 2.53
CA LEU D 267 24.70 -8.15 2.63
C LEU D 267 23.74 -8.88 3.56
N LEU D 268 23.55 -8.34 4.76
CA LEU D 268 22.67 -8.94 5.74
C LEU D 268 21.25 -9.06 5.24
N ILE D 269 20.80 -8.09 4.45
CA ILE D 269 19.45 -8.15 3.90
C ILE D 269 19.38 -9.31 2.91
N LYS D 270 20.46 -9.56 2.18
CA LYS D 270 20.49 -10.68 1.24
C LYS D 270 20.54 -12.02 1.98
N THR D 271 21.37 -12.08 3.02
CA THR D 271 21.53 -13.33 3.78
C THR D 271 20.39 -13.63 4.75
N GLY D 272 19.76 -12.57 5.24
CA GLY D 272 18.73 -12.72 6.24
C GLY D 272 19.43 -12.03 7.40
N VAL D 273 18.86 -10.95 7.91
CA VAL D 273 19.51 -10.17 8.95
C VAL D 273 19.88 -10.85 10.26
N PHE D 274 18.92 -11.45 10.97
CA PHE D 274 19.25 -12.09 12.24
C PHE D 274 20.24 -13.24 12.08
N ARG D 275 20.00 -14.14 11.12
CA ARG D 275 20.89 -15.27 10.92
C ARG D 275 22.25 -14.81 10.38
N GLY D 276 22.24 -13.79 9.53
CA GLY D 276 23.48 -13.27 9.00
C GLY D 276 24.32 -12.73 10.14
N LEU D 277 23.68 -12.02 11.07
CA LEU D 277 24.36 -11.46 12.23
C LEU D 277 24.89 -12.56 13.15
N LYS D 278 24.05 -13.56 13.40
CA LYS D 278 24.45 -14.68 14.26
C LYS D 278 25.64 -15.43 13.65
N THR D 279 25.66 -15.54 12.33
CA THR D 279 26.73 -16.23 11.64
C THR D 279 28.04 -15.47 11.83
N VAL D 280 28.00 -14.16 11.65
CA VAL D 280 29.17 -13.33 11.85
C VAL D 280 29.66 -13.46 13.29
N LEU D 281 28.71 -13.47 14.23
CA LEU D 281 29.06 -13.59 15.65
C LEU D 281 29.65 -14.95 15.94
N HIS D 282 29.22 -15.96 15.18
CA HIS D 282 29.76 -17.29 15.35
C HIS D 282 31.24 -17.26 14.97
N TYR D 283 31.53 -16.67 13.81
CA TYR D 283 32.91 -16.58 13.34
C TYR D 283 33.78 -15.72 14.26
N MET D 284 33.14 -14.91 15.09
CA MET D 284 33.85 -14.06 16.02
C MET D 284 33.99 -14.77 17.38
N ASP D 285 33.61 -16.04 17.41
CA ASP D 285 33.70 -16.87 18.60
C ASP D 285 32.73 -16.47 19.72
N VAL D 286 31.64 -15.81 19.37
CA VAL D 286 30.65 -15.39 20.36
C VAL D 286 29.47 -16.35 20.42
N VAL D 287 28.89 -16.65 19.26
CA VAL D 287 27.74 -17.55 19.17
C VAL D 287 28.12 -18.94 18.67
N SER D 288 27.83 -19.95 19.49
CA SER D 288 28.15 -21.35 19.15
C SER D 288 27.43 -21.89 17.93
N VAL D 289 26.11 -21.68 17.85
CA VAL D 289 25.30 -22.15 16.73
C VAL D 289 24.50 -20.95 16.23
N PRO D 290 24.75 -20.50 14.98
CA PRO D 290 24.10 -19.34 14.35
C PRO D 290 22.67 -19.51 13.83
N LEU D 291 21.91 -20.45 14.37
CA LEU D 291 20.56 -20.67 13.89
C LEU D 291 19.49 -19.76 14.47
N CYS D 292 18.45 -19.53 13.67
CA CYS D 292 17.29 -18.75 14.08
C CYS D 292 16.22 -19.82 14.24
N ARG D 293 15.09 -19.48 14.85
CA ARG D 293 14.03 -20.47 15.01
C ARG D 293 13.15 -20.60 13.79
N LYS D 294 12.68 -21.81 13.52
CA LYS D 294 11.79 -22.03 12.39
C LYS D 294 10.56 -21.15 12.67
N PRO D 295 9.90 -20.65 11.61
CA PRO D 295 10.16 -20.84 10.19
C PRO D 295 11.41 -20.24 9.53
N PHE D 296 12.25 -19.53 10.28
CA PHE D 296 13.47 -18.98 9.69
C PHE D 296 14.35 -20.14 9.25
N GLY D 297 14.85 -20.09 8.02
CA GLY D 297 15.72 -21.15 7.54
C GLY D 297 17.17 -20.80 7.78
N PRO D 298 18.12 -21.67 7.38
CA PRO D 298 19.54 -21.38 7.58
C PRO D 298 20.06 -20.42 6.52
N VAL D 299 21.28 -19.94 6.71
CA VAL D 299 21.90 -19.04 5.75
C VAL D 299 22.31 -19.84 4.53
N ASP D 300 22.12 -19.28 3.34
CA ASP D 300 22.48 -19.96 2.11
C ASP D 300 24.01 -20.05 2.05
N GLU D 301 24.51 -21.27 1.82
CA GLU D 301 25.95 -21.54 1.75
C GLU D 301 26.75 -20.53 0.92
N LYS D 302 26.15 -20.03 -0.16
CA LYS D 302 26.85 -19.10 -1.03
C LYS D 302 27.27 -17.80 -0.39
N TYR D 303 26.68 -17.45 0.74
CA TYR D 303 27.01 -16.20 1.43
C TYR D 303 28.08 -16.34 2.50
N LEU D 304 28.47 -17.57 2.82
CA LEU D 304 29.46 -17.77 3.87
C LEU D 304 30.81 -17.10 3.63
N PRO D 305 31.33 -17.13 2.39
CA PRO D 305 32.62 -16.48 2.16
C PRO D 305 32.59 -14.99 2.53
N GLU D 306 31.51 -14.30 2.18
CA GLU D 306 31.39 -12.88 2.50
C GLU D 306 31.20 -12.65 3.99
N LEU D 307 30.41 -13.51 4.64
CA LEU D 307 30.18 -13.38 6.07
C LEU D 307 31.47 -13.66 6.85
N LYS D 308 32.25 -14.65 6.40
CA LYS D 308 33.51 -14.95 7.08
C LYS D 308 34.46 -13.77 6.89
N ALA D 309 34.54 -13.26 5.67
CA ALA D 309 35.41 -12.14 5.37
C ALA D 309 35.02 -10.94 6.24
N LEU D 310 33.72 -10.73 6.41
CA LEU D 310 33.23 -9.62 7.22
C LEU D 310 33.66 -9.79 8.67
N ALA D 311 33.49 -10.99 9.21
CA ALA D 311 33.88 -11.26 10.60
C ALA D 311 35.37 -10.96 10.77
N GLN D 312 36.16 -11.48 9.84
CA GLN D 312 37.61 -11.27 9.87
C GLN D 312 37.92 -9.78 9.87
N GLN D 313 37.25 -9.04 9.01
CA GLN D 313 37.46 -7.59 8.90
C GLN D 313 37.09 -6.84 10.18
N LEU D 314 35.94 -7.18 10.77
CA LEU D 314 35.49 -6.52 11.98
C LEU D 314 36.41 -6.79 13.17
N MET D 315 36.95 -7.99 13.25
CA MET D 315 37.85 -8.33 14.33
C MET D 315 39.16 -7.55 14.18
N GLN D 316 39.62 -7.41 12.94
CA GLN D 316 40.85 -6.67 12.67
C GLN D 316 40.65 -5.20 13.02
N GLU D 317 39.55 -4.65 12.53
CA GLU D 317 39.19 -3.25 12.76
C GLU D 317 39.11 -2.95 14.26
N ARG D 318 38.34 -3.75 14.98
CA ARG D 318 38.17 -3.57 16.42
C ARG D 318 39.41 -3.99 17.19
#